data_1S2V
#
_entry.id   1S2V
#
_cell.length_a   122.517
_cell.length_b   86.469
_cell.length_c   104.011
_cell.angle_alpha   90.00
_cell.angle_beta   90.00
_cell.angle_gamma   90.00
#
_symmetry.space_group_name_H-M   'P 21 21 2'
#
loop_
_entity.id
_entity.type
_entity.pdbx_description
1 polymer 'Phosphoenolpyruvate phosphomutase'
2 non-polymer 'MAGNESIUM ION'
3 water water
#
_entity_poly.entity_id   1
_entity_poly.type   'polypeptide(L)'
_entity_poly.pdbx_seq_one_letter_code
;MSTKVKKTTQLKQMLNSKDLEFIMEAHNGLSARIVQEAGFKGIWGSGLSVSAQLGVRDSNEASWTQVVEVLEFMSDASDV
PILLDADTGYGNFNNARRLVRKLEDRGVAGACLEDKLFPKTNSLHDGRAQPLADIEEFALKIKACKDSQTDPDFCIVARV
EAFIAGWGLDEALKRAEAYRNAGADAILMHSKKADPSDIEAFMKAWNNQGPVVIVPTKYYKTPTDHFRDMGVSMVIWANH
NLRASVSAIQQTTKQIYDDQSLVNVEDKIVSVKEIFRLQRDDELVQAEDKYLPKN
;
_entity_poly.pdbx_strand_id   A,B,C,D
#
loop_
_chem_comp.id
_chem_comp.type
_chem_comp.name
_chem_comp.formula
MG non-polymer 'MAGNESIUM ION' 'Mg 2'
#
# COMPACT_ATOMS: atom_id res chain seq x y z
N VAL A 5 -25.13 -8.65 14.53
CA VAL A 5 -24.63 -7.69 15.57
C VAL A 5 -23.27 -7.09 15.20
N LYS A 6 -23.24 -5.79 15.01
CA LYS A 6 -22.02 -5.09 14.65
C LYS A 6 -20.86 -5.32 15.61
N LYS A 7 -19.65 -5.32 15.04
CA LYS A 7 -18.43 -5.48 15.80
C LYS A 7 -18.28 -4.29 16.76
N THR A 8 -18.56 -3.08 16.27
CA THR A 8 -18.45 -1.87 17.08
C THR A 8 -19.42 -1.95 18.26
N THR A 9 -20.61 -2.48 17.98
CA THR A 9 -21.63 -2.66 18.99
C THR A 9 -21.15 -3.69 20.02
N GLN A 10 -20.59 -4.80 19.52
CA GLN A 10 -20.10 -5.86 20.39
C GLN A 10 -19.06 -5.33 21.38
N LEU A 11 -18.20 -4.43 20.92
CA LEU A 11 -17.17 -3.87 21.79
C LEU A 11 -17.79 -2.97 22.85
N LYS A 12 -18.55 -1.99 22.39
CA LYS A 12 -19.23 -1.04 23.28
C LYS A 12 -19.98 -1.78 24.41
N GLN A 13 -20.63 -2.87 24.04
CA GLN A 13 -21.37 -3.65 25.01
C GLN A 13 -20.44 -4.26 26.05
N MET A 14 -19.25 -4.67 25.65
CA MET A 14 -18.30 -5.25 26.58
C MET A 14 -17.76 -4.18 27.53
N LEU A 15 -17.60 -2.97 27.02
CA LEU A 15 -17.08 -1.87 27.84
C LEU A 15 -18.09 -1.38 28.86
N ASN A 16 -19.37 -1.33 28.48
CA ASN A 16 -20.39 -0.85 29.40
C ASN A 16 -21.11 -1.98 30.13
N SER A 17 -20.57 -3.19 30.08
CA SER A 17 -21.25 -4.29 30.74
C SER A 17 -20.97 -4.39 32.23
N LYS A 18 -21.70 -5.31 32.87
CA LYS A 18 -21.57 -5.55 34.29
C LYS A 18 -20.32 -6.38 34.59
N ASP A 19 -20.18 -7.51 33.91
CA ASP A 19 -19.02 -8.39 34.09
C ASP A 19 -17.67 -7.80 33.66
N LEU A 20 -16.59 -8.47 34.05
CA LEU A 20 -15.26 -8.02 33.68
C LEU A 20 -15.00 -8.69 32.34
N GLU A 21 -14.70 -7.90 31.31
CA GLU A 21 -14.45 -8.46 29.98
C GLU A 21 -12.93 -8.59 29.74
N PHE A 22 -12.55 -9.53 28.87
CA PHE A 22 -11.14 -9.76 28.51
C PHE A 22 -10.95 -9.75 27.00
N ILE A 23 -9.89 -9.10 26.54
CA ILE A 23 -9.56 -9.12 25.13
C ILE A 23 -8.10 -9.52 25.08
N MET A 24 -7.78 -10.45 24.18
CA MET A 24 -6.45 -11.02 23.98
C MET A 24 -5.74 -10.39 22.77
N GLU A 25 -4.46 -10.04 22.93
CA GLU A 25 -3.72 -9.42 21.84
C GLU A 25 -3.47 -10.34 20.63
N ALA A 26 -3.44 -9.71 19.45
CA ALA A 26 -3.16 -10.38 18.18
C ALA A 26 -2.38 -9.33 17.40
N HIS A 27 -1.59 -9.76 16.41
CA HIS A 27 -0.78 -8.80 15.63
C HIS A 27 -0.84 -9.03 14.13
N ASN A 28 -1.60 -10.03 13.71
CA ASN A 28 -1.81 -10.35 12.31
C ASN A 28 -3.09 -11.18 12.11
N GLY A 29 -3.46 -11.40 10.86
CA GLY A 29 -4.66 -12.15 10.56
C GLY A 29 -4.66 -13.56 11.17
N LEU A 30 -3.53 -14.25 11.11
CA LEU A 30 -3.41 -15.59 11.64
C LEU A 30 -3.63 -15.65 13.16
N SER A 31 -3.11 -14.68 13.89
CA SER A 31 -3.25 -14.73 15.34
C SER A 31 -4.60 -14.23 15.76
N ALA A 32 -5.21 -13.39 14.93
CA ALA A 32 -6.52 -12.87 15.26
C ALA A 32 -7.56 -14.02 15.22
N ARG A 33 -7.44 -14.89 14.23
CA ARG A 33 -8.34 -16.02 14.10
C ARG A 33 -8.14 -17.05 15.21
N ILE A 34 -6.90 -17.16 15.70
CA ILE A 34 -6.62 -18.11 16.78
C ILE A 34 -7.29 -17.52 18.05
N VAL A 35 -7.05 -16.24 18.31
CA VAL A 35 -7.66 -15.59 19.47
C VAL A 35 -9.16 -15.88 19.42
N GLN A 36 -9.76 -15.73 18.24
CA GLN A 36 -11.19 -15.99 18.13
C GLN A 36 -11.58 -17.46 18.33
N GLU A 37 -10.82 -18.38 17.75
CA GLU A 37 -11.17 -19.78 17.87
C GLU A 37 -11.11 -20.26 19.30
N ALA A 38 -10.35 -19.53 20.11
CA ALA A 38 -10.18 -19.87 21.51
C ALA A 38 -11.39 -19.49 22.39
N GLY A 39 -12.18 -18.50 21.96
CA GLY A 39 -13.33 -18.10 22.76
C GLY A 39 -13.33 -16.64 23.18
N PHE A 40 -12.24 -15.94 22.92
CA PHE A 40 -12.22 -14.54 23.31
C PHE A 40 -13.29 -13.77 22.57
N LYS A 41 -13.86 -12.81 23.29
CA LYS A 41 -14.94 -11.99 22.78
C LYS A 41 -14.41 -10.72 22.18
N GLY A 42 -13.10 -10.54 22.27
CA GLY A 42 -12.47 -9.36 21.73
C GLY A 42 -10.97 -9.50 21.50
N ILE A 43 -10.45 -8.66 20.61
CA ILE A 43 -9.04 -8.66 20.27
C ILE A 43 -8.40 -7.30 20.53
N TRP A 44 -7.20 -7.32 21.10
CA TRP A 44 -6.41 -6.11 21.40
C TRP A 44 -5.31 -6.04 20.31
N GLY A 45 -5.40 -5.05 19.44
CA GLY A 45 -4.42 -4.89 18.38
C GLY A 45 -3.32 -4.06 18.96
N SER A 46 -2.33 -4.73 19.55
CA SER A 46 -1.20 -4.09 20.23
C SER A 46 -0.22 -3.30 19.34
N GLY A 47 0.01 -2.05 19.70
CA GLY A 47 0.94 -1.23 18.95
C GLY A 47 2.32 -1.87 18.93
N LEU A 48 2.81 -2.26 20.10
CA LEU A 48 4.11 -2.90 20.20
C LEU A 48 4.14 -4.19 19.36
N SER A 49 3.06 -4.94 19.42
CA SER A 49 2.97 -6.22 18.73
C SER A 49 2.93 -6.10 17.19
N VAL A 50 2.21 -5.11 16.70
CA VAL A 50 2.11 -4.89 15.26
C VAL A 50 3.43 -4.38 14.70
N SER A 51 4.00 -3.36 15.33
CA SER A 51 5.28 -2.84 14.83
C SER A 51 6.37 -3.93 14.92
N ALA A 52 6.35 -4.73 15.99
CA ALA A 52 7.40 -5.75 16.14
C ALA A 52 7.39 -6.82 15.06
N GLN A 53 6.19 -7.29 14.72
CA GLN A 53 6.06 -8.32 13.72
C GLN A 53 6.59 -7.80 12.38
N LEU A 54 6.53 -6.48 12.19
CA LEU A 54 7.03 -5.82 10.96
C LEU A 54 8.54 -5.63 11.06
N GLY A 55 9.06 -5.82 12.27
CA GLY A 55 10.48 -5.68 12.49
C GLY A 55 10.93 -4.27 12.76
N VAL A 56 9.98 -3.35 12.95
CA VAL A 56 10.35 -1.95 13.23
C VAL A 56 10.10 -1.66 14.70
N ARG A 57 10.46 -0.47 15.17
CA ARG A 57 10.24 -0.14 16.56
C ARG A 57 8.86 0.43 16.78
N ASP A 58 8.38 0.35 18.03
CA ASP A 58 7.09 0.90 18.39
C ASP A 58 7.18 2.42 18.56
N SER A 59 7.73 3.13 17.57
CA SER A 59 7.82 4.56 17.69
C SER A 59 7.41 5.27 16.43
N ASN A 60 6.25 4.91 15.88
CA ASN A 60 5.74 5.58 14.69
C ASN A 60 6.60 5.45 13.44
N GLU A 61 7.27 4.32 13.28
CA GLU A 61 8.09 4.15 12.08
C GLU A 61 7.18 3.73 10.95
N ALA A 62 6.39 2.67 11.17
CA ALA A 62 5.46 2.21 10.15
C ALA A 62 4.45 3.36 9.99
N SER A 63 4.05 3.68 8.78
CA SER A 63 3.05 4.76 8.62
C SER A 63 1.72 4.29 9.16
N TRP A 64 0.83 5.23 9.44
CA TRP A 64 -0.47 4.84 9.94
C TRP A 64 -1.28 3.99 8.95
N THR A 65 -1.08 4.21 7.64
CA THR A 65 -1.82 3.42 6.64
C THR A 65 -1.26 1.99 6.63
N GLN A 66 0.05 1.84 6.88
CA GLN A 66 0.64 0.51 6.95
C GLN A 66 0.06 -0.23 8.17
N VAL A 67 -0.16 0.49 9.27
CA VAL A 67 -0.75 -0.15 10.45
C VAL A 67 -2.20 -0.52 10.09
N VAL A 68 -2.95 0.42 9.52
CA VAL A 68 -4.33 0.13 9.15
C VAL A 68 -4.43 -1.09 8.25
N GLU A 69 -3.50 -1.26 7.32
CA GLU A 69 -3.59 -2.43 6.47
C GLU A 69 -3.45 -3.74 7.26
N VAL A 70 -2.55 -3.78 8.24
CA VAL A 70 -2.36 -4.96 9.05
C VAL A 70 -3.69 -5.27 9.76
N LEU A 71 -4.32 -4.23 10.29
CA LEU A 71 -5.59 -4.34 10.99
C LEU A 71 -6.73 -4.78 10.05
N GLU A 72 -6.67 -4.31 8.81
CA GLU A 72 -7.68 -4.67 7.83
C GLU A 72 -7.62 -6.18 7.68
N PHE A 73 -6.42 -6.72 7.54
CA PHE A 73 -6.28 -8.17 7.44
C PHE A 73 -6.76 -8.91 8.69
N MET A 74 -6.44 -8.36 9.86
CA MET A 74 -6.88 -9.01 11.12
C MET A 74 -8.41 -9.02 11.16
N SER A 75 -9.02 -7.89 10.82
CA SER A 75 -10.47 -7.70 10.80
C SER A 75 -11.14 -8.74 9.94
N ASP A 76 -10.69 -8.86 8.69
CA ASP A 76 -11.25 -9.85 7.77
C ASP A 76 -11.18 -11.29 8.32
N ALA A 77 -10.19 -11.57 9.16
CA ALA A 77 -10.02 -12.94 9.68
C ALA A 77 -10.69 -13.25 11.03
N SER A 78 -11.49 -12.30 11.52
CA SER A 78 -12.17 -12.46 12.80
C SER A 78 -13.59 -11.86 12.81
N ASP A 79 -14.45 -12.42 13.65
CA ASP A 79 -15.83 -11.98 13.78
C ASP A 79 -16.06 -11.16 15.04
N VAL A 80 -15.11 -11.21 15.97
CA VAL A 80 -15.22 -10.43 17.19
C VAL A 80 -14.50 -9.09 16.96
N PRO A 81 -14.89 -8.04 17.69
CA PRO A 81 -14.27 -6.73 17.52
C PRO A 81 -12.79 -6.61 17.85
N ILE A 82 -12.16 -5.61 17.27
CA ILE A 82 -10.75 -5.34 17.51
C ILE A 82 -10.61 -3.91 18.03
N LEU A 83 -9.94 -3.75 19.17
CA LEU A 83 -9.70 -2.42 19.73
C LEU A 83 -8.25 -2.16 19.31
N LEU A 84 -8.02 -1.09 18.58
CA LEU A 84 -6.69 -0.79 18.08
C LEU A 84 -5.90 0.19 18.90
N ASP A 85 -4.68 -0.21 19.25
CA ASP A 85 -3.82 0.69 19.99
C ASP A 85 -3.26 1.65 18.97
N ALA A 86 -3.88 2.83 18.91
CA ALA A 86 -3.50 3.83 17.93
C ALA A 86 -2.59 4.99 18.39
N ASP A 87 -1.62 4.70 19.25
CA ASP A 87 -0.70 5.75 19.71
C ASP A 87 -1.47 7.01 20.07
N THR A 88 -1.09 8.14 19.51
CA THR A 88 -1.81 9.37 19.84
C THR A 88 -2.70 9.80 18.70
N GLY A 89 -2.92 8.90 17.73
CA GLY A 89 -3.73 9.25 16.57
C GLY A 89 -2.89 9.62 15.35
N TYR A 90 -1.57 9.54 15.50
CA TYR A 90 -0.65 9.84 14.39
C TYR A 90 -0.64 11.25 13.85
N GLY A 91 -0.93 12.22 14.70
CA GLY A 91 -0.93 13.61 14.25
C GLY A 91 -1.84 14.41 15.17
N ASN A 92 -2.36 15.53 14.69
CA ASN A 92 -3.27 16.29 15.53
C ASN A 92 -4.69 15.76 15.36
N PHE A 93 -5.68 16.50 15.84
CA PHE A 93 -7.08 16.08 15.77
C PHE A 93 -7.51 15.62 14.36
N ASN A 94 -7.00 16.29 13.34
CA ASN A 94 -7.37 15.93 11.98
C ASN A 94 -6.83 14.54 11.59
N ASN A 95 -5.55 14.30 11.82
CA ASN A 95 -5.02 12.99 11.49
C ASN A 95 -5.86 11.96 12.25
N ALA A 96 -6.16 12.27 13.50
CA ALA A 96 -6.92 11.35 14.34
C ALA A 96 -8.28 11.00 13.75
N ARG A 97 -9.01 11.98 13.25
CA ARG A 97 -10.32 11.66 12.71
C ARG A 97 -10.25 10.86 11.41
N ARG A 98 -9.30 11.21 10.54
CA ARG A 98 -9.16 10.48 9.29
C ARG A 98 -8.89 9.03 9.62
N LEU A 99 -8.05 8.79 10.64
CA LEU A 99 -7.76 7.42 11.05
C LEU A 99 -9.06 6.70 11.49
N VAL A 100 -9.90 7.40 12.25
CA VAL A 100 -11.17 6.84 12.74
C VAL A 100 -12.05 6.42 11.56
N ARG A 101 -12.16 7.29 10.56
CA ARG A 101 -12.97 6.96 9.39
C ARG A 101 -12.47 5.67 8.74
N LYS A 102 -11.19 5.66 8.37
CA LYS A 102 -10.62 4.49 7.71
C LYS A 102 -10.76 3.22 8.54
N LEU A 103 -10.64 3.36 9.85
CA LEU A 103 -10.76 2.22 10.76
C LEU A 103 -12.21 1.67 10.71
N GLU A 104 -13.19 2.57 10.67
CA GLU A 104 -14.59 2.13 10.58
C GLU A 104 -14.85 1.35 9.29
N ASP A 105 -14.36 1.89 8.17
CA ASP A 105 -14.54 1.24 6.86
C ASP A 105 -13.86 -0.13 6.85
N ARG A 106 -12.76 -0.28 7.58
CA ARG A 106 -12.06 -1.54 7.63
C ARG A 106 -12.71 -2.54 8.58
N GLY A 107 -13.67 -2.08 9.35
CA GLY A 107 -14.34 -2.99 10.25
C GLY A 107 -13.75 -3.06 11.64
N VAL A 108 -12.85 -2.14 11.95
CA VAL A 108 -12.25 -2.13 13.29
C VAL A 108 -13.34 -1.59 14.23
N ALA A 109 -13.50 -2.20 15.39
CA ALA A 109 -14.53 -1.78 16.34
C ALA A 109 -14.16 -0.55 17.17
N GLY A 110 -12.88 -0.26 17.31
CA GLY A 110 -12.50 0.91 18.08
C GLY A 110 -11.01 1.23 18.14
N ALA A 111 -10.72 2.49 18.46
CA ALA A 111 -9.37 2.98 18.60
C ALA A 111 -9.11 3.44 20.04
N CYS A 112 -7.89 3.20 20.51
CA CYS A 112 -7.47 3.59 21.86
C CYS A 112 -6.41 4.66 21.69
N LEU A 113 -6.66 5.86 22.21
CA LEU A 113 -5.67 6.95 22.10
C LEU A 113 -5.07 7.37 23.46
N GLU A 114 -3.79 7.75 23.45
CA GLU A 114 -3.06 8.17 24.66
C GLU A 114 -2.70 9.66 24.68
N ASP A 115 -2.83 10.27 25.86
CA ASP A 115 -2.54 11.69 26.08
C ASP A 115 -1.08 12.15 26.16
N LYS A 116 -0.24 11.73 25.22
CA LYS A 116 1.17 12.17 25.24
C LYS A 116 1.58 13.06 24.08
N LEU A 117 2.80 13.58 24.14
CA LEU A 117 3.30 14.47 23.10
C LEU A 117 3.69 13.71 21.84
N PHE A 118 3.35 14.28 20.69
CA PHE A 118 3.69 13.66 19.41
C PHE A 118 4.06 14.69 18.35
N PRO A 119 5.19 14.46 17.65
CA PRO A 119 6.09 13.32 17.82
C PRO A 119 7.03 13.55 19.00
N LYS A 120 8.12 12.81 19.09
CA LYS A 120 9.08 12.99 20.20
C LYS A 120 10.16 14.06 19.90
N THR A 121 10.40 14.93 20.88
CA THR A 121 11.42 16.00 20.76
C THR A 121 12.32 15.95 21.99
N ASN A 122 12.08 14.94 22.84
CA ASN A 122 12.83 14.74 24.08
C ASN A 122 14.32 15.08 23.92
N GLN A 130 7.97 14.41 33.02
CA GLN A 130 7.76 14.21 31.59
C GLN A 130 6.43 14.80 31.15
N PRO A 131 6.47 15.95 30.44
CA PRO A 131 5.22 16.57 30.00
C PRO A 131 4.34 15.68 29.11
N LEU A 132 3.03 15.72 29.36
CA LEU A 132 2.05 14.96 28.60
C LEU A 132 1.36 15.96 27.68
N ALA A 133 0.48 15.46 26.83
CA ALA A 133 -0.26 16.32 25.91
C ALA A 133 -1.12 17.29 26.71
N ASP A 134 -1.33 18.48 26.17
CA ASP A 134 -2.17 19.48 26.81
C ASP A 134 -3.53 18.79 27.10
N ILE A 135 -3.95 18.77 28.36
CA ILE A 135 -5.22 18.13 28.74
C ILE A 135 -6.37 18.57 27.83
N GLU A 136 -6.42 19.88 27.59
CA GLU A 136 -7.43 20.54 26.77
C GLU A 136 -7.43 20.06 25.32
N GLU A 137 -6.26 19.96 24.72
CA GLU A 137 -6.15 19.54 23.32
C GLU A 137 -6.56 18.10 23.09
N PHE A 138 -6.12 17.19 23.95
CA PHE A 138 -6.46 15.78 23.82
C PHE A 138 -7.98 15.64 23.98
N ALA A 139 -8.56 16.45 24.86
CA ALA A 139 -10.01 16.40 25.07
C ALA A 139 -10.71 16.70 23.74
N LEU A 140 -10.27 17.77 23.06
CA LEU A 140 -10.84 18.15 21.76
C LEU A 140 -10.53 17.05 20.74
N LYS A 141 -9.32 16.50 20.82
CA LYS A 141 -8.93 15.40 19.94
C LYS A 141 -9.96 14.27 20.11
N ILE A 142 -10.18 13.84 21.35
CA ILE A 142 -11.14 12.78 21.66
C ILE A 142 -12.50 13.11 21.07
N LYS A 143 -12.91 14.35 21.26
CA LYS A 143 -14.19 14.85 20.76
C LYS A 143 -14.23 14.81 19.24
N ALA A 144 -13.18 15.34 18.62
CA ALA A 144 -13.05 15.38 17.17
C ALA A 144 -13.35 14.02 16.54
N CYS A 145 -12.83 12.97 17.17
CA CYS A 145 -13.03 11.60 16.74
C CYS A 145 -14.45 11.15 17.00
N LYS A 146 -15.02 11.60 18.11
CA LYS A 146 -16.40 11.25 18.45
C LYS A 146 -17.37 11.88 17.47
N ASP A 147 -17.10 13.14 17.12
CA ASP A 147 -17.94 13.87 16.19
C ASP A 147 -17.87 13.35 14.75
N SER A 148 -16.79 12.64 14.40
CA SER A 148 -16.63 12.12 13.05
C SER A 148 -17.18 10.72 12.80
N GLN A 149 -17.34 9.92 13.86
CA GLN A 149 -17.85 8.57 13.67
C GLN A 149 -19.07 8.58 12.74
N THR A 150 -19.23 7.54 11.93
CA THR A 150 -20.41 7.44 11.09
C THR A 150 -21.24 6.36 11.76
N ASP A 151 -20.57 5.48 12.48
CA ASP A 151 -21.25 4.42 13.23
C ASP A 151 -21.23 4.94 14.67
N PRO A 152 -22.39 5.06 15.30
CA PRO A 152 -22.48 5.55 16.68
C PRO A 152 -21.84 4.63 17.70
N ASP A 153 -21.70 3.35 17.39
CA ASP A 153 -21.13 2.41 18.33
C ASP A 153 -19.62 2.21 18.25
N PHE A 154 -18.94 2.98 17.42
CA PHE A 154 -17.47 2.88 17.32
C PHE A 154 -16.95 3.47 18.64
N CYS A 155 -16.08 2.73 19.33
CA CYS A 155 -15.53 3.17 20.61
C CYS A 155 -14.18 3.85 20.57
N ILE A 156 -14.07 4.91 21.36
CA ILE A 156 -12.84 5.68 21.52
C ILE A 156 -12.37 5.51 22.97
N VAL A 157 -11.33 4.73 23.20
CA VAL A 157 -10.82 4.55 24.55
C VAL A 157 -9.68 5.50 24.85
N ALA A 158 -9.83 6.35 25.88
CA ALA A 158 -8.77 7.30 26.24
C ALA A 158 -7.84 6.73 27.30
N ARG A 159 -6.59 6.58 26.90
CA ARG A 159 -5.55 6.04 27.75
C ARG A 159 -4.84 7.21 28.45
N VAL A 160 -4.81 7.14 29.77
CA VAL A 160 -4.18 8.16 30.60
C VAL A 160 -2.78 7.73 31.03
N GLU A 161 -1.83 8.60 30.70
CA GLU A 161 -0.43 8.35 31.00
C GLU A 161 0.09 9.06 32.26
N ALA A 162 -0.76 9.84 32.94
CA ALA A 162 -0.31 10.56 34.14
C ALA A 162 0.57 9.70 35.06
N PHE A 163 0.08 8.53 35.46
CA PHE A 163 0.83 7.62 36.32
C PHE A 163 2.12 7.08 35.68
N ILE A 164 2.14 6.98 34.36
CA ILE A 164 3.36 6.51 33.70
C ILE A 164 4.32 7.70 33.52
N ALA A 165 3.74 8.89 33.30
CA ALA A 165 4.51 10.12 33.12
C ALA A 165 5.14 10.57 34.43
N GLY A 166 4.67 10.00 35.54
CA GLY A 166 5.20 10.36 36.84
C GLY A 166 4.39 11.45 37.53
N TRP A 167 3.09 11.51 37.26
CA TRP A 167 2.23 12.50 37.89
C TRP A 167 1.51 11.79 39.03
N GLY A 168 0.64 12.50 39.72
CA GLY A 168 -0.06 11.86 40.82
C GLY A 168 -1.39 11.26 40.43
N LEU A 169 -2.19 10.92 41.44
CA LEU A 169 -3.52 10.36 41.21
C LEU A 169 -4.41 11.54 40.84
N ASP A 170 -4.09 12.70 41.39
CA ASP A 170 -4.85 13.90 41.13
C ASP A 170 -4.82 14.24 39.65
N GLU A 171 -3.74 13.85 38.98
CA GLU A 171 -3.62 14.12 37.55
C GLU A 171 -4.26 13.02 36.72
N ALA A 172 -4.22 11.78 37.22
CA ALA A 172 -4.80 10.65 36.51
C ALA A 172 -6.32 10.79 36.46
N LEU A 173 -6.89 11.38 37.52
CA LEU A 173 -8.32 11.61 37.64
C LEU A 173 -8.72 12.87 36.88
N LYS A 174 -7.85 13.87 36.87
CA LYS A 174 -8.10 15.14 36.16
C LYS A 174 -8.23 14.92 34.65
N ARG A 175 -7.30 14.12 34.11
CA ARG A 175 -7.29 13.80 32.68
C ARG A 175 -8.47 12.85 32.41
N ALA A 176 -8.49 11.74 33.13
CA ALA A 176 -9.53 10.73 32.96
C ALA A 176 -10.93 11.34 32.95
N GLU A 177 -11.23 12.21 33.92
CA GLU A 177 -12.55 12.83 33.95
C GLU A 177 -12.76 13.74 32.73
N ALA A 178 -11.73 14.49 32.36
CA ALA A 178 -11.82 15.37 31.18
C ALA A 178 -12.07 14.56 29.90
N TYR A 179 -11.26 13.52 29.69
CA TYR A 179 -11.45 12.71 28.49
C TYR A 179 -12.82 11.98 28.49
N ARG A 180 -13.38 11.71 29.67
CA ARG A 180 -14.69 11.03 29.72
C ARG A 180 -15.80 12.01 29.32
N ASN A 181 -15.67 13.27 29.72
CA ASN A 181 -16.66 14.27 29.39
C ASN A 181 -16.61 14.62 27.92
N ALA A 182 -15.43 14.44 27.33
CA ALA A 182 -15.21 14.72 25.92
C ALA A 182 -15.96 13.72 25.03
N GLY A 183 -16.08 12.48 25.50
CA GLY A 183 -16.77 11.48 24.73
C GLY A 183 -16.23 10.09 24.89
N ALA A 184 -15.00 9.96 25.39
CA ALA A 184 -14.41 8.63 25.58
C ALA A 184 -15.44 7.61 26.05
N ASP A 185 -15.38 6.39 25.51
CA ASP A 185 -16.28 5.28 25.84
C ASP A 185 -15.75 4.49 27.02
N ALA A 186 -14.47 4.65 27.28
CA ALA A 186 -13.83 3.97 28.39
C ALA A 186 -12.55 4.71 28.66
N ILE A 187 -11.95 4.39 29.80
CA ILE A 187 -10.70 5.00 30.21
C ILE A 187 -9.72 3.88 30.50
N LEU A 188 -8.56 3.94 29.84
CA LEU A 188 -7.51 2.95 30.07
C LEU A 188 -6.52 3.59 31.02
N MET A 189 -6.56 3.15 32.28
CA MET A 189 -5.66 3.66 33.31
C MET A 189 -4.49 2.72 33.38
N HIS A 190 -3.30 3.21 33.05
CA HIS A 190 -2.14 2.34 33.08
C HIS A 190 -1.18 2.68 34.20
N SER A 191 -0.52 1.63 34.69
CA SER A 191 0.44 1.74 35.78
C SER A 191 1.63 0.80 35.56
N LYS A 192 2.83 1.37 35.58
CA LYS A 192 4.06 0.59 35.41
C LYS A 192 4.50 -0.09 36.72
N LYS A 193 3.70 0.04 37.77
CA LYS A 193 4.04 -0.59 39.05
C LYS A 193 3.89 -2.09 38.88
N ALA A 194 4.51 -2.87 39.76
CA ALA A 194 4.39 -4.31 39.69
C ALA A 194 3.25 -4.78 40.60
N ASP A 195 2.48 -3.81 41.08
CA ASP A 195 1.31 -4.06 41.94
C ASP A 195 0.19 -3.15 41.45
N PRO A 196 -1.07 -3.45 41.84
CA PRO A 196 -2.20 -2.62 41.41
C PRO A 196 -2.49 -1.37 42.26
N SER A 197 -1.54 -0.95 43.11
CA SER A 197 -1.77 0.22 43.96
C SER A 197 -2.38 1.37 43.17
N ASP A 198 -1.67 1.85 42.15
CA ASP A 198 -2.17 2.94 41.32
C ASP A 198 -3.61 2.72 40.86
N ILE A 199 -3.88 1.53 40.32
CA ILE A 199 -5.22 1.15 39.83
C ILE A 199 -6.26 1.20 40.96
N GLU A 200 -5.88 0.71 42.14
CA GLU A 200 -6.76 0.69 43.32
C GLU A 200 -7.03 2.13 43.75
N ALA A 201 -5.98 2.93 43.78
CA ALA A 201 -6.11 4.33 44.17
C ALA A 201 -7.07 5.05 43.24
N PHE A 202 -6.81 4.91 41.94
CA PHE A 202 -7.66 5.56 40.95
C PHE A 202 -9.10 5.06 41.02
N MET A 203 -9.29 3.75 41.21
CA MET A 203 -10.65 3.21 41.27
C MET A 203 -11.44 3.78 42.45
N LYS A 204 -10.73 4.01 43.56
CA LYS A 204 -11.33 4.57 44.76
C LYS A 204 -11.80 5.98 44.41
N ALA A 205 -10.89 6.73 43.78
CA ALA A 205 -11.14 8.11 43.38
C ALA A 205 -12.19 8.35 42.27
N TRP A 206 -12.02 7.64 41.14
CA TRP A 206 -12.89 7.75 39.96
C TRP A 206 -14.39 7.92 40.22
N ASN A 207 -14.96 7.11 41.12
CA ASN A 207 -16.37 7.24 41.45
C ASN A 207 -17.30 6.74 40.32
N ASN A 208 -16.90 5.61 39.73
CA ASN A 208 -17.65 4.97 38.65
C ASN A 208 -18.17 5.96 37.60
N GLN A 209 -17.32 6.86 37.13
CA GLN A 209 -17.74 7.83 36.13
C GLN A 209 -17.68 7.29 34.69
N GLY A 210 -17.15 6.07 34.54
CA GLY A 210 -17.05 5.47 33.22
C GLY A 210 -16.39 4.10 33.28
N PRO A 211 -16.51 3.28 32.22
CA PRO A 211 -15.89 1.94 32.26
C PRO A 211 -14.38 2.13 32.34
N VAL A 212 -13.71 1.20 32.99
CA VAL A 212 -12.26 1.31 33.15
C VAL A 212 -11.55 0.10 32.52
N VAL A 213 -10.46 0.34 31.82
CA VAL A 213 -9.71 -0.76 31.22
C VAL A 213 -8.29 -0.71 31.75
N ILE A 214 -7.75 -1.87 32.05
CA ILE A 214 -6.40 -1.91 32.59
C ILE A 214 -5.56 -2.90 31.84
N VAL A 215 -4.24 -2.75 31.97
CA VAL A 215 -3.28 -3.62 31.33
C VAL A 215 -2.45 -4.19 32.47
N PRO A 216 -2.84 -5.36 32.99
CA PRO A 216 -2.11 -5.99 34.10
C PRO A 216 -0.83 -6.74 33.79
N THR A 217 -0.10 -6.31 32.76
CA THR A 217 1.16 -6.97 32.37
C THR A 217 2.26 -7.04 33.45
N LYS A 218 2.43 -5.98 34.22
CA LYS A 218 3.44 -5.93 35.27
C LYS A 218 2.93 -6.49 36.61
N TYR A 219 1.68 -6.15 36.94
CA TYR A 219 1.10 -6.65 38.16
C TYR A 219 0.22 -7.85 37.83
N TYR A 220 0.82 -8.82 37.13
CA TYR A 220 0.14 -10.05 36.69
C TYR A 220 -0.13 -11.13 37.73
N LYS A 221 0.41 -10.95 38.94
CA LYS A 221 0.19 -11.93 40.01
C LYS A 221 -1.09 -11.58 40.74
N THR A 222 -1.51 -10.32 40.60
CA THR A 222 -2.73 -9.82 41.23
C THR A 222 -3.90 -10.67 40.76
N PRO A 223 -4.62 -11.32 41.69
CA PRO A 223 -5.76 -12.17 41.33
C PRO A 223 -6.79 -11.40 40.50
N THR A 224 -7.39 -12.10 39.54
CA THR A 224 -8.40 -11.51 38.65
C THR A 224 -9.65 -11.00 39.37
N ASP A 225 -10.12 -11.74 40.38
CA ASP A 225 -11.30 -11.31 41.13
C ASP A 225 -11.07 -9.95 41.78
N HIS A 226 -9.83 -9.64 42.10
CA HIS A 226 -9.51 -8.35 42.69
C HIS A 226 -10.00 -7.24 41.74
N PHE A 227 -9.78 -7.45 40.44
CA PHE A 227 -10.21 -6.51 39.41
C PHE A 227 -11.74 -6.45 39.32
N ARG A 228 -12.39 -7.59 39.47
CA ARG A 228 -13.85 -7.64 39.43
C ARG A 228 -14.41 -6.86 40.62
N ASP A 229 -13.73 -7.00 41.76
CA ASP A 229 -14.12 -6.31 42.99
C ASP A 229 -14.12 -4.80 42.80
N MET A 230 -12.96 -4.24 42.46
CA MET A 230 -12.83 -2.80 42.24
C MET A 230 -13.80 -2.24 41.18
N GLY A 231 -14.41 -3.13 40.40
CA GLY A 231 -15.33 -2.69 39.38
C GLY A 231 -14.72 -2.42 38.01
N VAL A 232 -13.51 -2.93 37.76
CA VAL A 232 -12.84 -2.75 36.46
C VAL A 232 -13.72 -3.42 35.38
N SER A 233 -13.94 -2.72 34.27
CA SER A 233 -14.78 -3.25 33.20
C SER A 233 -14.13 -4.21 32.18
N MET A 234 -12.85 -4.01 31.89
CA MET A 234 -12.14 -4.87 30.94
C MET A 234 -10.62 -4.95 31.18
N VAL A 235 -10.09 -6.16 31.00
CA VAL A 235 -8.66 -6.46 31.15
C VAL A 235 -8.05 -6.73 29.77
N ILE A 236 -6.90 -6.14 29.51
CA ILE A 236 -6.20 -6.34 28.24
C ILE A 236 -4.96 -7.20 28.45
N TRP A 237 -4.93 -8.36 27.81
CA TRP A 237 -3.75 -9.23 27.86
C TRP A 237 -3.00 -8.61 26.66
N ALA A 238 -2.03 -7.74 26.95
CA ALA A 238 -1.29 -6.94 25.97
C ALA A 238 -0.27 -7.46 24.97
N ASN A 239 0.51 -8.48 25.32
CA ASN A 239 1.54 -8.85 24.35
C ASN A 239 2.03 -10.27 24.35
N HIS A 240 1.29 -11.15 25.02
CA HIS A 240 1.68 -12.54 25.17
C HIS A 240 1.74 -13.46 23.94
N ASN A 241 0.86 -13.27 22.95
CA ASN A 241 0.94 -14.11 21.76
C ASN A 241 2.23 -13.78 21.01
N LEU A 242 2.57 -12.50 20.92
CA LEU A 242 3.82 -12.11 20.25
C LEU A 242 4.99 -12.78 20.96
N ARG A 243 5.09 -12.54 22.26
CA ARG A 243 6.16 -13.12 23.06
C ARG A 243 6.22 -14.65 22.91
N ALA A 244 5.06 -15.32 22.94
CA ALA A 244 5.03 -16.78 22.79
C ALA A 244 5.58 -17.24 21.42
N SER A 245 5.16 -16.50 20.38
CA SER A 245 5.57 -16.77 19.01
C SER A 245 7.11 -16.72 18.93
N VAL A 246 7.65 -15.58 19.33
CA VAL A 246 9.08 -15.36 19.34
C VAL A 246 9.86 -16.50 20.02
N SER A 247 9.32 -17.03 21.10
CA SER A 247 9.99 -18.11 21.79
C SER A 247 10.02 -19.37 20.91
N ALA A 248 8.89 -19.70 20.33
CA ALA A 248 8.81 -20.87 19.47
C ALA A 248 9.70 -20.73 18.25
N ILE A 249 9.78 -19.53 17.67
CA ILE A 249 10.59 -19.31 16.47
C ILE A 249 12.09 -19.35 16.76
N GLN A 250 12.53 -18.72 17.83
CA GLN A 250 13.95 -18.77 18.13
C GLN A 250 14.34 -20.22 18.41
N GLN A 251 13.46 -20.95 19.10
CA GLN A 251 13.79 -22.35 19.43
C GLN A 251 13.77 -23.29 18.24
N THR A 252 12.74 -23.17 17.40
CA THR A 252 12.63 -24.03 16.23
C THR A 252 13.77 -23.78 15.28
N THR A 253 14.10 -22.51 15.11
CA THR A 253 15.17 -22.08 14.22
C THR A 253 16.50 -22.60 14.71
N LYS A 254 16.76 -22.48 16.01
CA LYS A 254 17.99 -22.99 16.60
C LYS A 254 18.05 -24.49 16.44
N GLN A 255 16.95 -25.18 16.70
CA GLN A 255 16.94 -26.64 16.59
C GLN A 255 17.23 -27.14 15.16
N ILE A 256 16.76 -26.43 14.14
CA ILE A 256 16.98 -26.85 12.75
C ILE A 256 18.38 -26.45 12.26
N TYR A 257 18.89 -25.34 12.80
CA TYR A 257 20.20 -24.84 12.43
C TYR A 257 21.28 -25.79 12.89
N ASP A 258 21.15 -26.23 14.14
CA ASP A 258 22.10 -27.15 14.75
C ASP A 258 22.04 -28.53 14.13
N ASP A 259 20.85 -29.11 14.03
CA ASP A 259 20.71 -30.46 13.47
C ASP A 259 20.73 -30.58 11.96
N GLN A 260 20.48 -29.48 11.25
CA GLN A 260 20.40 -29.54 9.80
C GLN A 260 19.44 -30.68 9.43
N SER A 261 18.34 -30.74 10.18
CA SER A 261 17.31 -31.75 10.00
C SER A 261 16.04 -31.30 10.67
N LEU A 262 14.92 -31.91 10.31
CA LEU A 262 13.63 -31.53 10.89
C LEU A 262 13.06 -32.62 11.78
N VAL A 263 13.85 -33.65 12.05
CA VAL A 263 13.33 -34.73 12.87
C VAL A 263 13.08 -34.28 14.32
N ASN A 264 13.74 -33.22 14.78
CA ASN A 264 13.51 -32.77 16.15
C ASN A 264 12.52 -31.63 16.38
N VAL A 265 11.79 -31.25 15.34
CA VAL A 265 10.78 -30.18 15.44
C VAL A 265 9.44 -30.61 14.82
N GLU A 266 9.48 -31.57 13.91
CA GLU A 266 8.30 -32.05 13.21
C GLU A 266 7.18 -32.55 14.16
N ASP A 267 7.53 -32.98 15.37
CA ASP A 267 6.53 -33.44 16.33
C ASP A 267 6.21 -32.42 17.42
N LYS A 268 6.86 -31.27 17.38
CA LYS A 268 6.64 -30.23 18.37
C LYS A 268 5.89 -29.03 17.78
N ILE A 269 5.57 -29.09 16.49
CA ILE A 269 4.85 -28.00 15.82
C ILE A 269 3.54 -28.47 15.23
N VAL A 270 2.63 -27.54 14.99
CA VAL A 270 1.35 -27.87 14.43
C VAL A 270 1.60 -28.39 13.02
N SER A 271 0.66 -29.14 12.45
CA SER A 271 0.86 -29.66 11.10
C SER A 271 0.47 -28.68 9.99
N VAL A 272 0.83 -29.04 8.76
CA VAL A 272 0.50 -28.23 7.61
C VAL A 272 -1.02 -28.19 7.40
N LYS A 273 -1.70 -29.32 7.63
CA LYS A 273 -3.15 -29.37 7.49
C LYS A 273 -3.78 -28.37 8.44
N GLU A 274 -3.21 -28.26 9.64
CA GLU A 274 -3.72 -27.32 10.62
C GLU A 274 -3.59 -25.90 10.06
N ILE A 275 -2.51 -25.62 9.33
CA ILE A 275 -2.38 -24.29 8.73
C ILE A 275 -3.47 -24.12 7.66
N PHE A 276 -3.68 -25.12 6.82
CA PHE A 276 -4.72 -24.94 5.80
C PHE A 276 -6.08 -24.74 6.46
N ARG A 277 -6.33 -25.36 7.61
CA ARG A 277 -7.62 -25.21 8.27
C ARG A 277 -7.79 -23.79 8.80
N LEU A 278 -6.75 -23.28 9.43
CA LEU A 278 -6.79 -21.93 9.95
C LEU A 278 -6.96 -20.89 8.84
N GLN A 279 -6.55 -21.23 7.61
CA GLN A 279 -6.66 -20.32 6.46
C GLN A 279 -8.03 -20.43 5.81
N ARG A 280 -8.85 -21.36 6.30
CA ARG A 280 -10.19 -21.63 5.78
C ARG A 280 -10.08 -22.16 4.34
N ASP A 281 -9.07 -22.99 4.10
CA ASP A 281 -8.83 -23.56 2.78
C ASP A 281 -10.04 -24.35 2.23
N ASP A 282 -10.71 -25.10 3.09
CA ASP A 282 -11.85 -25.91 2.67
C ASP A 282 -12.98 -25.02 2.12
N GLU A 283 -13.09 -23.80 2.64
CA GLU A 283 -14.11 -22.87 2.19
C GLU A 283 -13.85 -22.52 0.72
N LEU A 284 -12.57 -22.51 0.34
CA LEU A 284 -12.20 -22.18 -1.03
C LEU A 284 -12.39 -23.37 -1.96
N VAL A 285 -12.13 -24.57 -1.45
CA VAL A 285 -12.31 -25.78 -2.26
C VAL A 285 -13.79 -25.86 -2.62
N GLN A 286 -14.66 -25.70 -1.62
CA GLN A 286 -16.10 -25.72 -1.86
C GLN A 286 -16.45 -24.72 -2.95
N ALA A 287 -15.81 -23.55 -2.91
CA ALA A 287 -16.09 -22.51 -3.88
C ALA A 287 -15.59 -22.89 -5.27
N GLU A 288 -14.36 -23.38 -5.34
CA GLU A 288 -13.81 -23.77 -6.62
C GLU A 288 -14.73 -24.81 -7.24
N ASP A 289 -15.36 -25.58 -6.34
CA ASP A 289 -16.27 -26.65 -6.70
C ASP A 289 -17.48 -26.09 -7.46
N LYS A 290 -18.13 -25.12 -6.85
CA LYS A 290 -19.32 -24.50 -7.41
C LYS A 290 -19.09 -23.47 -8.53
N TYR A 291 -17.92 -22.86 -8.59
CA TYR A 291 -17.68 -21.80 -9.57
C TYR A 291 -16.75 -22.01 -10.76
N LEU A 292 -16.05 -23.15 -10.81
CA LEU A 292 -15.19 -23.46 -11.96
C LEU A 292 -15.83 -24.61 -12.71
N PRO A 293 -16.08 -24.43 -14.01
CA PRO A 293 -16.71 -25.49 -14.83
C PRO A 293 -16.08 -26.85 -14.57
N LYS B 4 -27.14 10.68 1.48
CA LYS B 4 -28.54 10.16 1.59
C LYS B 4 -28.61 8.73 1.06
N VAL B 5 -29.00 8.58 -0.20
CA VAL B 5 -29.11 7.25 -0.77
C VAL B 5 -27.74 6.67 -1.10
N LYS B 6 -27.51 5.45 -0.65
CA LYS B 6 -26.26 4.73 -0.91
C LYS B 6 -25.81 4.86 -2.37
N LYS B 7 -24.50 4.97 -2.59
CA LYS B 7 -23.98 5.09 -3.94
C LYS B 7 -24.30 3.87 -4.80
N THR B 8 -24.28 2.69 -4.18
CA THR B 8 -24.58 1.47 -4.91
C THR B 8 -25.99 1.58 -5.47
N THR B 9 -26.90 2.05 -4.63
CA THR B 9 -28.29 2.21 -4.99
C THR B 9 -28.46 3.25 -6.10
N GLN B 10 -27.67 4.30 -6.05
CA GLN B 10 -27.75 5.34 -7.07
C GLN B 10 -27.34 4.78 -8.43
N LEU B 11 -26.32 3.93 -8.44
CA LEU B 11 -25.87 3.32 -9.69
C LEU B 11 -26.88 2.30 -10.15
N LYS B 12 -27.48 1.58 -9.22
CA LYS B 12 -28.43 0.55 -9.60
C LYS B 12 -29.65 1.20 -10.22
N GLN B 13 -30.06 2.35 -9.68
CA GLN B 13 -31.23 3.04 -10.21
C GLN B 13 -30.93 3.57 -11.61
N MET B 14 -29.70 4.02 -11.85
CA MET B 14 -29.34 4.53 -13.16
C MET B 14 -29.35 3.42 -14.19
N LEU B 15 -28.81 2.26 -13.84
CA LEU B 15 -28.77 1.14 -14.76
C LEU B 15 -30.18 0.68 -15.14
N ASN B 16 -31.08 0.64 -14.15
CA ASN B 16 -32.42 0.20 -14.42
C ASN B 16 -33.41 1.28 -14.84
N SER B 17 -32.99 2.54 -14.87
CA SER B 17 -33.94 3.57 -15.26
C SER B 17 -34.21 3.47 -16.77
N LYS B 18 -35.37 3.99 -17.18
CA LYS B 18 -35.76 3.96 -18.59
C LYS B 18 -34.95 4.94 -19.43
N ASP B 19 -34.70 6.12 -18.90
CA ASP B 19 -33.96 7.13 -19.62
C ASP B 19 -32.45 6.87 -19.80
N LEU B 20 -31.85 7.57 -20.75
CA LEU B 20 -30.44 7.41 -20.99
C LEU B 20 -29.64 8.10 -19.88
N GLU B 21 -28.79 7.35 -19.18
CA GLU B 21 -27.96 7.93 -18.12
C GLU B 21 -26.52 8.06 -18.59
N PHE B 22 -25.79 9.01 -18.02
CA PHE B 22 -24.40 9.24 -18.39
C PHE B 22 -23.44 9.21 -17.20
N ILE B 23 -22.26 8.63 -17.40
CA ILE B 23 -21.25 8.70 -16.34
C ILE B 23 -19.97 9.18 -17.01
N MET B 24 -19.18 9.94 -16.26
CA MET B 24 -17.95 10.55 -16.76
C MET B 24 -16.67 9.98 -16.12
N GLU B 25 -15.64 9.87 -16.95
CA GLU B 25 -14.35 9.35 -16.55
C GLU B 25 -13.60 10.24 -15.56
N ALA B 26 -13.01 9.61 -14.55
CA ALA B 26 -12.17 10.28 -13.56
C ALA B 26 -11.06 9.27 -13.34
N HIS B 27 -9.88 9.72 -12.93
CA HIS B 27 -8.78 8.79 -12.75
C HIS B 27 -8.03 9.05 -11.44
N ASN B 28 -8.51 10.01 -10.66
CA ASN B 28 -7.92 10.34 -9.39
C ASN B 28 -8.91 11.13 -8.55
N GLY B 29 -8.55 11.34 -7.28
CA GLY B 29 -9.41 12.06 -6.35
C GLY B 29 -9.86 13.40 -6.87
N LEU B 30 -8.91 14.14 -7.39
CA LEU B 30 -9.16 15.47 -7.92
C LEU B 30 -10.17 15.51 -9.06
N SER B 31 -9.97 14.67 -10.05
CA SER B 31 -10.86 14.63 -11.20
C SER B 31 -12.23 14.06 -10.84
N ALA B 32 -12.31 13.27 -9.77
CA ALA B 32 -13.58 12.70 -9.33
C ALA B 32 -14.44 13.80 -8.69
N ARG B 33 -13.79 14.76 -8.03
CA ARG B 33 -14.54 15.86 -7.40
C ARG B 33 -15.02 16.84 -8.46
N ILE B 34 -14.17 17.09 -9.46
CA ILE B 34 -14.52 17.98 -10.55
C ILE B 34 -15.75 17.41 -11.26
N VAL B 35 -15.75 16.10 -11.52
CA VAL B 35 -16.90 15.46 -12.18
C VAL B 35 -18.17 15.62 -11.37
N GLN B 36 -18.05 15.43 -10.05
CA GLN B 36 -19.19 15.59 -9.15
C GLN B 36 -19.69 17.04 -9.25
N GLU B 37 -18.77 17.98 -9.21
CA GLU B 37 -19.13 19.41 -9.31
C GLU B 37 -19.84 19.80 -10.60
N ALA B 38 -19.44 19.18 -11.71
CA ALA B 38 -20.03 19.51 -12.99
C ALA B 38 -21.48 19.12 -13.10
N GLY B 39 -21.94 18.25 -12.21
CA GLY B 39 -23.32 17.83 -12.25
C GLY B 39 -23.55 16.36 -12.57
N PHE B 40 -22.56 15.70 -13.16
CA PHE B 40 -22.68 14.29 -13.51
C PHE B 40 -23.25 13.44 -12.39
N LYS B 41 -24.07 12.45 -12.75
CA LYS B 41 -24.69 11.59 -11.74
C LYS B 41 -23.87 10.36 -11.38
N GLY B 42 -22.72 10.18 -12.04
CA GLY B 42 -21.88 9.02 -11.79
C GLY B 42 -20.50 9.15 -12.40
N ILE B 43 -19.57 8.29 -11.95
CA ILE B 43 -18.18 8.33 -12.44
C ILE B 43 -17.72 6.98 -12.97
N TRP B 44 -16.97 6.99 -14.06
CA TRP B 44 -16.45 5.76 -14.65
C TRP B 44 -14.99 5.67 -14.20
N GLY B 45 -14.68 4.57 -13.53
CA GLY B 45 -13.32 4.38 -13.06
C GLY B 45 -12.57 3.70 -14.18
N SER B 46 -12.16 4.48 -15.15
CA SER B 46 -11.46 3.95 -16.31
C SER B 46 -10.14 3.18 -16.06
N GLY B 47 -10.05 1.95 -16.55
CA GLY B 47 -8.82 1.19 -16.40
C GLY B 47 -7.66 1.87 -17.12
N LEU B 48 -7.90 2.32 -18.34
CA LEU B 48 -6.85 3.02 -19.08
C LEU B 48 -6.41 4.29 -18.38
N SER B 49 -7.38 5.09 -17.95
CA SER B 49 -7.08 6.36 -17.28
C SER B 49 -6.34 6.17 -15.94
N VAL B 50 -6.69 5.11 -15.21
CA VAL B 50 -6.04 4.88 -13.92
C VAL B 50 -4.61 4.41 -14.14
N SER B 51 -4.42 3.40 -15.00
CA SER B 51 -3.06 2.91 -15.22
C SER B 51 -2.16 3.99 -15.84
N ALA B 52 -2.72 4.77 -16.76
CA ALA B 52 -1.97 5.84 -17.42
C ALA B 52 -1.51 6.95 -16.48
N GLN B 53 -2.34 7.37 -15.53
CA GLN B 53 -1.91 8.43 -14.61
C GLN B 53 -0.76 7.92 -13.75
N LEU B 54 -0.81 6.63 -13.42
CA LEU B 54 0.23 5.99 -12.64
C LEU B 54 1.47 5.88 -13.53
N GLY B 55 1.29 6.09 -14.82
CA GLY B 55 2.41 5.99 -15.74
C GLY B 55 2.75 4.59 -16.26
N VAL B 56 1.85 3.65 -16.06
CA VAL B 56 2.11 2.28 -16.55
C VAL B 56 1.12 1.93 -17.66
N ARG B 57 1.22 0.71 -18.21
CA ARG B 57 0.31 0.31 -19.29
C ARG B 57 -0.99 -0.23 -18.76
N ASP B 58 -1.99 -0.20 -19.61
CA ASP B 58 -3.31 -0.71 -19.25
C ASP B 58 -3.30 -2.22 -19.49
N SER B 59 -2.47 -2.93 -18.74
CA SER B 59 -2.37 -4.37 -18.91
C SER B 59 -2.00 -5.11 -17.62
N ASN B 60 -2.65 -4.75 -16.52
CA ASN B 60 -2.43 -5.45 -15.29
C ASN B 60 -1.06 -5.30 -14.63
N GLU B 61 -0.43 -4.14 -14.78
CA GLU B 61 0.88 -3.94 -14.18
C GLU B 61 0.73 -3.50 -12.72
N ALA B 62 -0.11 -2.49 -12.48
CA ALA B 62 -0.39 -2.07 -11.12
C ALA B 62 -1.18 -3.23 -10.52
N SER B 63 -1.02 -3.48 -9.24
CA SER B 63 -1.75 -4.57 -8.62
C SER B 63 -3.19 -4.14 -8.42
N TRP B 64 -4.05 -5.12 -8.20
CA TRP B 64 -5.43 -4.77 -7.98
C TRP B 64 -5.59 -3.92 -6.72
N THR B 65 -4.67 -4.05 -5.73
CA THR B 65 -4.81 -3.22 -4.55
C THR B 65 -4.25 -1.82 -4.77
N GLN B 66 -3.35 -1.63 -5.74
CA GLN B 66 -2.88 -0.27 -6.03
C GLN B 66 -4.04 0.48 -6.79
N VAL B 67 -4.78 -0.24 -7.61
CA VAL B 67 -5.94 0.31 -8.34
C VAL B 67 -7.03 0.59 -7.29
N VAL B 68 -7.33 -0.38 -6.45
CA VAL B 68 -8.33 -0.13 -5.43
C VAL B 68 -7.96 1.11 -4.62
N GLU B 69 -6.69 1.27 -4.29
CA GLU B 69 -6.30 2.45 -3.52
C GLU B 69 -6.54 3.78 -4.25
N VAL B 70 -6.27 3.84 -5.55
CA VAL B 70 -6.54 5.07 -6.32
C VAL B 70 -8.05 5.38 -6.23
N LEU B 71 -8.84 4.32 -6.35
CA LEU B 71 -10.28 4.39 -6.29
C LEU B 71 -10.81 4.73 -4.91
N GLU B 72 -10.07 4.39 -3.87
CA GLU B 72 -10.49 4.71 -2.52
C GLU B 72 -10.47 6.24 -2.37
N PHE B 73 -9.45 6.88 -2.91
CA PHE B 73 -9.33 8.34 -2.88
C PHE B 73 -10.45 8.98 -3.73
N MET B 74 -10.70 8.41 -4.91
CA MET B 74 -11.77 8.91 -5.76
C MET B 74 -13.09 8.87 -5.01
N SER B 75 -13.37 7.76 -4.36
CA SER B 75 -14.62 7.63 -3.64
C SER B 75 -14.76 8.53 -2.40
N ASP B 76 -13.62 8.83 -1.77
CA ASP B 76 -13.66 9.70 -0.60
C ASP B 76 -14.00 11.12 -1.09
N ALA B 77 -13.56 11.46 -2.30
CA ALA B 77 -13.76 12.79 -2.82
C ALA B 77 -15.05 13.05 -3.64
N SER B 78 -15.94 12.09 -3.69
CA SER B 78 -17.16 12.25 -4.49
C SER B 78 -18.39 11.66 -3.79
N ASP B 79 -19.57 12.16 -4.13
CA ASP B 79 -20.82 11.68 -3.52
C ASP B 79 -21.66 10.85 -4.48
N VAL B 80 -21.29 10.87 -5.75
CA VAL B 80 -22.01 10.10 -6.76
C VAL B 80 -21.29 8.75 -6.91
N PRO B 81 -22.01 7.72 -7.39
CA PRO B 81 -21.43 6.38 -7.58
C PRO B 81 -20.26 6.30 -8.55
N ILE B 82 -19.37 5.33 -8.32
CA ILE B 82 -18.24 5.10 -9.22
C ILE B 82 -18.36 3.64 -9.67
N LEU B 83 -18.26 3.43 -10.97
CA LEU B 83 -18.30 2.08 -11.55
C LEU B 83 -16.87 1.84 -11.99
N LEU B 84 -16.21 0.88 -11.36
CA LEU B 84 -14.82 0.56 -11.69
C LEU B 84 -14.68 -0.42 -12.84
N ASP B 85 -13.80 -0.08 -13.77
CA ASP B 85 -13.47 -0.95 -14.88
C ASP B 85 -12.47 -1.91 -14.19
N ALA B 86 -12.91 -3.13 -13.88
CA ALA B 86 -12.06 -4.08 -13.19
C ALA B 86 -11.44 -5.19 -14.04
N ASP B 87 -11.16 -4.88 -15.31
CA ASP B 87 -10.58 -5.82 -16.25
C ASP B 87 -11.34 -7.12 -16.17
N THR B 88 -10.70 -8.23 -15.82
CA THR B 88 -11.39 -9.51 -15.72
C THR B 88 -11.68 -9.96 -14.30
N GLY B 89 -11.38 -9.10 -13.34
CA GLY B 89 -11.59 -9.45 -11.96
C GLY B 89 -10.26 -9.78 -11.33
N TYR B 90 -9.19 -9.63 -12.13
CA TYR B 90 -7.81 -9.87 -11.72
C TYR B 90 -7.45 -11.32 -11.33
N GLY B 91 -8.08 -12.29 -11.99
CA GLY B 91 -7.79 -13.67 -11.68
C GLY B 91 -9.02 -14.52 -11.94
N ASN B 92 -9.22 -15.55 -11.13
CA ASN B 92 -10.40 -16.37 -11.34
C ASN B 92 -11.55 -15.79 -10.52
N PHE B 93 -12.60 -16.59 -10.34
CA PHE B 93 -13.76 -16.13 -9.58
C PHE B 93 -13.40 -15.74 -8.14
N ASN B 94 -12.40 -16.39 -7.57
CA ASN B 94 -12.06 -16.06 -6.19
C ASN B 94 -11.43 -14.68 -6.04
N ASN B 95 -10.59 -14.28 -6.98
CA ASN B 95 -10.02 -12.97 -6.91
C ASN B 95 -11.15 -11.94 -7.14
N ALA B 96 -12.11 -12.27 -8.02
CA ALA B 96 -13.20 -11.33 -8.29
C ALA B 96 -14.06 -11.05 -7.04
N ARG B 97 -14.49 -12.07 -6.33
CA ARG B 97 -15.30 -11.79 -5.16
C ARG B 97 -14.52 -11.05 -4.04
N ARG B 98 -13.25 -11.36 -3.87
CA ARG B 98 -12.46 -10.66 -2.86
C ARG B 98 -12.35 -9.19 -3.26
N LEU B 99 -12.28 -8.93 -4.55
CA LEU B 99 -12.24 -7.55 -5.04
C LEU B 99 -13.59 -6.89 -4.76
N VAL B 100 -14.67 -7.61 -5.03
CA VAL B 100 -16.00 -7.04 -4.81
C VAL B 100 -16.19 -6.63 -3.36
N ARG B 101 -15.65 -7.42 -2.44
CA ARG B 101 -15.77 -7.08 -1.03
C ARG B 101 -14.96 -5.83 -0.68
N LYS B 102 -13.75 -5.71 -1.21
CA LYS B 102 -12.94 -4.53 -0.92
C LYS B 102 -13.54 -3.26 -1.49
N LEU B 103 -14.16 -3.36 -2.68
CA LEU B 103 -14.76 -2.19 -3.31
C LEU B 103 -15.94 -1.72 -2.51
N GLU B 104 -16.81 -2.64 -2.09
CA GLU B 104 -17.97 -2.25 -1.29
C GLU B 104 -17.52 -1.42 -0.09
N ASP B 105 -16.56 -1.97 0.67
CA ASP B 105 -16.01 -1.33 1.85
C ASP B 105 -15.38 0.01 1.56
N ARG B 106 -14.91 0.22 0.35
CA ARG B 106 -14.27 1.47 -0.02
C ARG B 106 -15.26 2.53 -0.53
N GLY B 107 -16.52 2.18 -0.68
CA GLY B 107 -17.50 3.14 -1.15
C GLY B 107 -17.76 3.12 -2.64
N VAL B 108 -17.12 2.19 -3.33
CA VAL B 108 -17.27 2.02 -4.77
C VAL B 108 -18.64 1.38 -5.02
N ALA B 109 -19.35 1.87 -6.02
CA ALA B 109 -20.71 1.40 -6.35
C ALA B 109 -20.86 0.10 -7.15
N GLY B 110 -19.92 -0.19 -8.04
CA GLY B 110 -20.03 -1.42 -8.80
C GLY B 110 -18.72 -1.72 -9.50
N ALA B 111 -18.65 -2.88 -10.13
CA ALA B 111 -17.47 -3.31 -10.86
C ALA B 111 -17.82 -3.83 -12.25
N CYS B 112 -17.04 -3.44 -13.23
CA CYS B 112 -17.26 -3.89 -14.59
C CYS B 112 -16.23 -4.95 -14.92
N LEU B 113 -16.69 -6.16 -15.25
CA LEU B 113 -15.83 -7.29 -15.59
C LEU B 113 -16.03 -7.74 -17.05
N GLU B 114 -14.93 -7.92 -17.77
CA GLU B 114 -14.96 -8.29 -19.18
C GLU B 114 -14.59 -9.75 -19.39
N ASP B 115 -15.21 -10.41 -20.37
CA ASP B 115 -14.95 -11.83 -20.63
C ASP B 115 -13.76 -12.23 -21.51
N LYS B 116 -12.61 -11.61 -21.33
CA LYS B 116 -11.46 -12.01 -22.12
C LYS B 116 -10.54 -12.88 -21.25
N LEU B 117 -9.52 -13.48 -21.85
CA LEU B 117 -8.61 -14.35 -21.10
C LEU B 117 -7.58 -13.59 -20.26
N PHE B 118 -7.26 -14.14 -19.09
CA PHE B 118 -6.29 -13.50 -18.20
C PHE B 118 -5.38 -14.48 -17.48
N PRO B 119 -4.06 -14.21 -17.51
CA PRO B 119 -3.47 -13.06 -18.20
C PRO B 119 -3.25 -13.45 -19.67
N LYS B 120 -2.69 -12.57 -20.51
CA LYS B 120 -2.45 -12.95 -21.91
C LYS B 120 -1.34 -14.01 -21.98
N THR B 121 -1.67 -15.20 -22.48
CA THR B 121 -0.70 -16.31 -22.57
C THR B 121 -0.26 -16.63 -24.01
N ASN B 122 -1.02 -16.14 -24.98
CA ASN B 122 -0.72 -16.41 -26.38
C ASN B 122 -0.50 -15.12 -27.18
N SER B 123 0.39 -15.22 -28.15
CA SER B 123 0.76 -14.11 -29.02
C SER B 123 -0.29 -13.90 -30.12
N GLY B 127 -6.05 -12.55 -39.11
CA GLY B 127 -7.43 -12.12 -39.04
C GLY B 127 -8.33 -13.13 -38.37
N ARG B 128 -7.72 -14.15 -37.74
CA ARG B 128 -8.49 -15.19 -37.04
C ARG B 128 -9.02 -14.57 -35.74
N ALA B 129 -10.24 -14.89 -35.36
CA ALA B 129 -10.82 -14.33 -34.14
C ALA B 129 -9.94 -14.63 -32.91
N GLN B 130 -10.06 -13.78 -31.90
CA GLN B 130 -9.31 -13.93 -30.67
C GLN B 130 -10.13 -14.65 -29.59
N PRO B 131 -9.71 -15.84 -29.15
CA PRO B 131 -10.48 -16.55 -28.12
C PRO B 131 -10.65 -15.74 -26.83
N LEU B 132 -11.86 -15.83 -26.28
CA LEU B 132 -12.24 -15.13 -25.06
C LEU B 132 -12.32 -16.18 -23.96
N ALA B 133 -12.79 -15.75 -22.80
CA ALA B 133 -12.93 -16.64 -21.67
C ALA B 133 -14.01 -17.66 -22.01
N ASP B 134 -14.02 -18.78 -21.32
CA ASP B 134 -15.02 -19.80 -21.56
C ASP B 134 -16.35 -19.18 -21.14
N ILE B 135 -17.39 -19.36 -21.94
CA ILE B 135 -18.68 -18.76 -21.63
C ILE B 135 -19.26 -19.21 -20.27
N GLU B 136 -19.18 -20.50 -19.99
CA GLU B 136 -19.70 -21.03 -18.74
C GLU B 136 -18.84 -20.55 -17.56
N GLU B 137 -17.55 -20.39 -17.78
CA GLU B 137 -16.68 -19.94 -16.69
C GLU B 137 -16.93 -18.51 -16.26
N PHE B 138 -17.05 -17.61 -17.23
CA PHE B 138 -17.29 -16.21 -16.88
C PHE B 138 -18.65 -16.06 -16.20
N ALA B 139 -19.64 -16.77 -16.71
CA ALA B 139 -20.98 -16.72 -16.13
C ALA B 139 -20.96 -17.09 -14.63
N LEU B 140 -20.14 -18.08 -14.28
CA LEU B 140 -20.05 -18.51 -12.89
C LEU B 140 -19.32 -17.47 -12.03
N LYS B 141 -18.39 -16.74 -12.65
CA LYS B 141 -17.65 -15.70 -11.94
C LYS B 141 -18.63 -14.55 -11.63
N ILE B 142 -19.50 -14.21 -12.57
CA ILE B 142 -20.45 -13.14 -12.30
C ILE B 142 -21.31 -13.58 -11.09
N LYS B 143 -21.80 -14.81 -11.15
CA LYS B 143 -22.62 -15.38 -10.07
C LYS B 143 -21.89 -15.42 -8.74
N ALA B 144 -20.61 -15.75 -8.78
CA ALA B 144 -19.81 -15.82 -7.54
C ALA B 144 -19.81 -14.44 -6.90
N CYS B 145 -19.71 -13.41 -7.73
CA CYS B 145 -19.71 -12.06 -7.23
C CYS B 145 -21.06 -11.68 -6.62
N LYS B 146 -22.15 -11.97 -7.32
CA LYS B 146 -23.47 -11.62 -6.83
C LYS B 146 -23.73 -12.37 -5.53
N ASP B 147 -23.38 -13.65 -5.47
CA ASP B 147 -23.60 -14.45 -4.28
C ASP B 147 -22.78 -13.96 -3.08
N SER B 148 -21.67 -13.27 -3.36
CA SER B 148 -20.77 -12.79 -2.32
C SER B 148 -20.93 -11.36 -1.81
N GLN B 149 -21.50 -10.48 -2.61
CA GLN B 149 -21.66 -9.10 -2.16
C GLN B 149 -22.57 -8.96 -0.95
N THR B 150 -22.21 -8.08 -0.04
CA THR B 150 -23.00 -7.85 1.17
C THR B 150 -24.02 -6.73 1.03
N ASP B 151 -23.82 -5.85 0.06
CA ASP B 151 -24.76 -4.76 -0.20
C ASP B 151 -25.58 -5.23 -1.41
N PRO B 152 -26.85 -5.57 -1.20
CA PRO B 152 -27.66 -6.04 -2.32
C PRO B 152 -27.71 -5.17 -3.57
N ASP B 153 -27.35 -3.90 -3.43
CA ASP B 153 -27.38 -2.99 -4.58
C ASP B 153 -26.06 -2.76 -5.29
N PHE B 154 -24.99 -3.38 -4.82
CA PHE B 154 -23.70 -3.24 -5.48
C PHE B 154 -23.91 -3.78 -6.89
N CYS B 155 -23.30 -3.19 -7.88
CA CYS B 155 -23.52 -3.65 -9.24
C CYS B 155 -22.37 -4.37 -9.92
N ILE B 156 -22.72 -5.47 -10.60
CA ILE B 156 -21.78 -6.23 -11.40
C ILE B 156 -22.21 -6.00 -12.85
N VAL B 157 -21.39 -5.27 -13.62
CA VAL B 157 -21.71 -5.01 -15.02
C VAL B 157 -20.85 -6.00 -15.83
N ALA B 158 -21.46 -6.69 -16.77
CA ALA B 158 -20.76 -7.67 -17.58
C ALA B 158 -20.40 -7.10 -18.96
N ARG B 159 -19.11 -6.95 -19.21
CA ARG B 159 -18.60 -6.42 -20.48
C ARG B 159 -18.36 -7.56 -21.48
N VAL B 160 -19.12 -7.59 -22.57
CA VAL B 160 -19.02 -8.64 -23.59
C VAL B 160 -18.03 -8.23 -24.68
N GLU B 161 -17.00 -9.06 -24.89
CA GLU B 161 -15.94 -8.81 -25.85
C GLU B 161 -16.12 -9.39 -27.24
N ALA B 162 -17.19 -10.14 -27.46
CA ALA B 162 -17.43 -10.80 -28.74
C ALA B 162 -17.12 -9.96 -29.99
N PHE B 163 -17.77 -8.82 -30.17
CA PHE B 163 -17.50 -7.99 -31.37
C PHE B 163 -16.04 -7.60 -31.50
N ILE B 164 -15.48 -7.06 -30.43
CA ILE B 164 -14.09 -6.64 -30.42
C ILE B 164 -13.13 -7.78 -30.80
N ALA B 165 -13.40 -8.99 -30.29
CA ALA B 165 -12.53 -10.17 -30.53
C ALA B 165 -12.72 -10.84 -31.89
N GLY B 166 -13.67 -10.32 -32.67
CA GLY B 166 -13.89 -10.87 -34.00
C GLY B 166 -15.01 -11.87 -34.18
N TRP B 167 -15.82 -12.08 -33.15
CA TRP B 167 -16.94 -12.99 -33.26
C TRP B 167 -18.18 -12.12 -33.45
N GLY B 168 -19.00 -12.43 -34.44
CA GLY B 168 -20.16 -11.59 -34.68
C GLY B 168 -21.20 -11.39 -33.57
N LEU B 169 -22.40 -11.05 -34.04
CA LEU B 169 -23.56 -10.79 -33.18
C LEU B 169 -24.00 -12.04 -32.46
N ASP B 170 -23.81 -13.17 -33.13
CA ASP B 170 -24.20 -14.42 -32.57
C ASP B 170 -23.52 -14.70 -31.22
N GLU B 171 -22.20 -14.46 -31.14
CA GLU B 171 -21.48 -14.69 -29.87
C GLU B 171 -21.90 -13.68 -28.81
N ALA B 172 -21.94 -12.41 -29.24
CA ALA B 172 -22.31 -11.30 -28.39
C ALA B 172 -23.60 -11.54 -27.63
N LEU B 173 -24.64 -11.97 -28.35
CA LEU B 173 -25.93 -12.23 -27.74
C LEU B 173 -25.94 -13.45 -26.83
N LYS B 174 -25.23 -14.52 -27.20
CA LYS B 174 -25.20 -15.72 -26.34
C LYS B 174 -24.49 -15.35 -25.03
N ARG B 175 -23.41 -14.59 -25.13
CA ARG B 175 -22.68 -14.19 -23.94
C ARG B 175 -23.52 -13.25 -23.06
N ALA B 176 -24.12 -12.23 -23.68
CA ALA B 176 -24.92 -11.27 -22.92
C ALA B 176 -26.03 -12.01 -22.21
N GLU B 177 -26.69 -12.94 -22.91
CA GLU B 177 -27.78 -13.70 -22.31
C GLU B 177 -27.28 -14.56 -21.17
N ALA B 178 -26.16 -15.22 -21.39
CA ALA B 178 -25.59 -16.06 -20.34
C ALA B 178 -25.21 -15.27 -19.08
N TYR B 179 -24.65 -14.07 -19.25
CA TYR B 179 -24.22 -13.26 -18.12
C TYR B 179 -25.40 -12.60 -17.41
N ARG B 180 -26.36 -12.14 -18.18
CA ARG B 180 -27.55 -11.54 -17.59
C ARG B 180 -28.20 -12.62 -16.74
N ASN B 181 -28.34 -13.80 -17.31
CA ASN B 181 -28.99 -14.90 -16.58
C ASN B 181 -28.20 -15.36 -15.35
N ALA B 182 -26.95 -14.94 -15.25
CA ALA B 182 -26.12 -15.33 -14.12
C ALA B 182 -26.20 -14.30 -13.03
N GLY B 183 -26.90 -13.19 -13.30
CA GLY B 183 -27.06 -12.17 -12.30
C GLY B 183 -26.50 -10.80 -12.60
N ALA B 184 -25.84 -10.63 -13.73
CA ALA B 184 -25.27 -9.33 -14.05
C ALA B 184 -26.39 -8.31 -13.94
N ASP B 185 -26.03 -7.11 -13.50
CA ASP B 185 -27.00 -6.03 -13.34
C ASP B 185 -27.15 -5.22 -14.63
N ALA B 186 -26.21 -5.42 -15.54
CA ALA B 186 -26.23 -4.74 -16.81
C ALA B 186 -25.19 -5.36 -17.74
N ILE B 187 -25.31 -5.09 -19.04
CA ILE B 187 -24.37 -5.60 -20.04
C ILE B 187 -23.71 -4.43 -20.78
N LEU B 188 -22.39 -4.46 -20.89
CA LEU B 188 -21.68 -3.41 -21.59
C LEU B 188 -21.27 -3.98 -22.95
N MET B 189 -21.86 -3.44 -24.02
CA MET B 189 -21.57 -3.92 -25.37
C MET B 189 -20.62 -2.96 -26.07
N HIS B 190 -19.46 -3.47 -26.47
CA HIS B 190 -18.46 -2.65 -27.11
C HIS B 190 -18.14 -3.02 -28.56
N SER B 191 -17.59 -2.06 -29.29
CA SER B 191 -17.27 -2.27 -30.70
C SER B 191 -15.99 -1.58 -31.13
N LYS B 192 -15.25 -2.22 -32.02
CA LYS B 192 -14.01 -1.66 -32.55
C LYS B 192 -14.31 -0.57 -33.59
N LYS B 193 -15.51 -0.62 -34.18
CA LYS B 193 -15.92 0.30 -35.23
C LYS B 193 -15.96 1.80 -34.96
N ALA B 194 -15.88 2.56 -36.06
CA ALA B 194 -15.93 4.01 -36.04
C ALA B 194 -17.38 4.40 -36.30
N ASP B 195 -18.25 3.40 -36.28
CA ASP B 195 -19.67 3.61 -36.50
C ASP B 195 -20.39 2.75 -35.47
N PRO B 196 -21.66 3.05 -35.22
CA PRO B 196 -22.47 2.31 -34.25
C PRO B 196 -23.16 1.03 -34.76
N SER B 197 -22.77 0.54 -35.93
CA SER B 197 -23.43 -0.64 -36.50
C SER B 197 -23.52 -1.90 -35.62
N ASP B 198 -22.43 -2.25 -34.94
CA ASP B 198 -22.47 -3.41 -34.05
C ASP B 198 -23.47 -3.17 -32.92
N ILE B 199 -23.43 -1.96 -32.35
CA ILE B 199 -24.31 -1.60 -31.25
C ILE B 199 -25.76 -1.66 -31.73
N GLU B 200 -26.01 -1.09 -32.91
CA GLU B 200 -27.36 -1.07 -33.50
C GLU B 200 -27.89 -2.49 -33.66
N ALA B 201 -27.09 -3.34 -34.30
CA ALA B 201 -27.50 -4.71 -34.52
C ALA B 201 -27.80 -5.48 -33.24
N PHE B 202 -26.94 -5.28 -32.23
CA PHE B 202 -27.14 -5.96 -30.95
C PHE B 202 -28.43 -5.51 -30.25
N MET B 203 -28.64 -4.21 -30.17
CA MET B 203 -29.84 -3.71 -29.54
C MET B 203 -31.07 -4.31 -30.25
N LYS B 204 -31.07 -4.31 -31.59
CA LYS B 204 -32.19 -4.89 -32.34
C LYS B 204 -32.46 -6.32 -31.89
N ALA B 205 -31.41 -7.12 -31.75
CA ALA B 205 -31.63 -8.51 -31.40
C ALA B 205 -31.82 -8.81 -29.92
N TRP B 206 -31.39 -7.89 -29.05
CA TRP B 206 -31.44 -8.07 -27.59
C TRP B 206 -32.85 -8.10 -26.98
N ASN B 207 -33.78 -7.38 -27.60
CA ASN B 207 -35.17 -7.37 -27.15
C ASN B 207 -35.33 -6.90 -25.71
N ASN B 208 -34.47 -5.96 -25.34
CA ASN B 208 -34.47 -5.41 -23.99
C ASN B 208 -34.61 -6.47 -22.88
N GLN B 209 -33.66 -7.42 -22.83
CA GLN B 209 -33.67 -8.45 -21.80
C GLN B 209 -32.95 -7.91 -20.54
N GLY B 210 -32.33 -6.75 -20.65
CA GLY B 210 -31.62 -6.17 -19.53
C GLY B 210 -30.97 -4.84 -19.91
N PRO B 211 -30.58 -4.04 -18.92
CA PRO B 211 -29.93 -2.76 -19.20
C PRO B 211 -28.65 -2.94 -20.03
N VAL B 212 -28.37 -2.01 -20.93
CA VAL B 212 -27.17 -2.10 -21.74
C VAL B 212 -26.39 -0.79 -21.60
N VAL B 213 -25.08 -0.95 -21.43
CA VAL B 213 -24.19 0.19 -21.27
C VAL B 213 -23.32 0.24 -22.51
N ILE B 214 -22.94 1.44 -22.95
CA ILE B 214 -22.09 1.54 -24.15
C ILE B 214 -21.01 2.60 -24.00
N VAL B 215 -19.99 2.50 -24.84
CA VAL B 215 -18.88 3.45 -24.83
C VAL B 215 -18.74 3.93 -26.28
N PRO B 216 -19.24 5.14 -26.57
CA PRO B 216 -19.23 5.78 -27.89
C PRO B 216 -17.93 6.41 -28.33
N THR B 217 -16.83 6.09 -27.64
CA THR B 217 -15.52 6.67 -27.94
C THR B 217 -15.03 6.71 -29.38
N LYS B 218 -15.11 5.56 -30.06
CA LYS B 218 -14.66 5.48 -31.44
C LYS B 218 -15.70 5.92 -32.47
N TYR B 219 -16.98 5.86 -32.11
CA TYR B 219 -18.02 6.32 -33.02
C TYR B 219 -18.70 7.53 -32.38
N TYR B 220 -17.90 8.49 -31.95
CA TYR B 220 -18.40 9.67 -31.26
C TYR B 220 -19.30 10.65 -32.02
N LYS B 221 -19.28 10.60 -33.34
CA LYS B 221 -20.13 11.50 -34.13
C LYS B 221 -21.60 11.03 -34.15
N THR B 222 -21.84 9.78 -33.74
CA THR B 222 -23.19 9.23 -33.71
C THR B 222 -24.10 10.03 -32.79
N PRO B 223 -25.16 10.65 -33.34
CA PRO B 223 -26.11 11.45 -32.56
C PRO B 223 -26.53 10.75 -31.28
N THR B 224 -26.44 11.47 -30.15
CA THR B 224 -26.80 10.89 -28.87
C THR B 224 -28.24 10.42 -28.86
N ASP B 225 -29.13 11.15 -29.54
CA ASP B 225 -30.57 10.81 -29.60
C ASP B 225 -30.77 9.41 -30.16
N HIS B 226 -29.85 8.96 -31.01
CA HIS B 226 -29.97 7.64 -31.58
C HIS B 226 -29.83 6.55 -30.50
N PHE B 227 -28.99 6.79 -29.50
CA PHE B 227 -28.84 5.81 -28.44
C PHE B 227 -30.17 5.66 -27.69
N ARG B 228 -30.83 6.78 -27.39
CA ARG B 228 -32.11 6.78 -26.70
C ARG B 228 -33.16 5.97 -27.49
N ASP B 229 -33.09 6.06 -28.82
CA ASP B 229 -34.01 5.32 -29.69
C ASP B 229 -33.81 3.81 -29.60
N MET B 230 -32.59 3.36 -29.32
CA MET B 230 -32.30 1.93 -29.21
C MET B 230 -32.70 1.43 -27.83
N GLY B 231 -32.89 2.35 -26.90
CA GLY B 231 -33.23 1.97 -25.53
C GLY B 231 -31.99 1.69 -24.67
N VAL B 232 -30.81 2.14 -25.10
CA VAL B 232 -29.56 1.95 -24.34
C VAL B 232 -29.79 2.59 -22.98
N SER B 233 -29.37 1.92 -21.92
CA SER B 233 -29.61 2.46 -20.59
C SER B 233 -28.59 3.46 -20.07
N MET B 234 -27.36 3.35 -20.52
CA MET B 234 -26.32 4.25 -20.03
C MET B 234 -25.17 4.42 -21.01
N VAL B 235 -24.57 5.60 -20.99
CA VAL B 235 -23.42 5.91 -21.81
C VAL B 235 -22.24 6.24 -20.91
N ILE B 236 -21.06 5.80 -21.33
CA ILE B 236 -19.82 6.04 -20.62
C ILE B 236 -18.89 6.93 -21.46
N TRP B 237 -18.55 8.11 -20.96
CA TRP B 237 -17.58 8.98 -21.65
C TRP B 237 -16.29 8.45 -20.98
N ALA B 238 -15.60 7.56 -21.71
CA ALA B 238 -14.43 6.82 -21.22
C ALA B 238 -13.08 7.39 -20.79
N ASN B 239 -12.58 8.41 -21.44
CA ASN B 239 -11.24 8.84 -21.05
C ASN B 239 -10.94 10.28 -21.43
N HIS B 240 -11.94 11.12 -21.58
CA HIS B 240 -11.62 12.46 -22.02
C HIS B 240 -11.01 13.41 -20.98
N ASN B 241 -11.22 13.18 -19.70
CA ASN B 241 -10.58 14.09 -18.75
C ASN B 241 -9.09 13.82 -18.72
N LEU B 242 -8.72 12.55 -18.84
CA LEU B 242 -7.31 12.16 -18.86
C LEU B 242 -6.65 12.81 -20.06
N ARG B 243 -7.31 12.72 -21.21
CA ARG B 243 -6.77 13.29 -22.44
C ARG B 243 -6.67 14.83 -22.42
N ALA B 244 -7.64 15.51 -21.81
CA ALA B 244 -7.60 16.98 -21.72
C ALA B 244 -6.43 17.41 -20.79
N SER B 245 -6.19 16.60 -19.77
CA SER B 245 -5.13 16.85 -18.81
C SER B 245 -3.76 16.73 -19.49
N VAL B 246 -3.56 15.65 -20.24
CA VAL B 246 -2.30 15.46 -20.95
C VAL B 246 -2.10 16.67 -21.83
N SER B 247 -3.13 17.00 -22.59
CA SER B 247 -3.10 18.15 -23.48
C SER B 247 -2.62 19.39 -22.73
N ALA B 248 -3.30 19.72 -21.64
CA ALA B 248 -2.96 20.90 -20.82
C ALA B 248 -1.57 20.88 -20.18
N ILE B 249 -1.13 19.71 -19.72
CA ILE B 249 0.19 19.58 -19.08
C ILE B 249 1.32 19.58 -20.11
N GLN B 250 1.05 19.07 -21.30
CA GLN B 250 2.06 19.09 -22.33
C GLN B 250 2.26 20.55 -22.77
N GLN B 251 1.16 21.28 -22.91
CA GLN B 251 1.28 22.67 -23.34
C GLN B 251 1.83 23.60 -22.27
N THR B 252 1.39 23.45 -21.03
CA THR B 252 1.92 24.28 -19.97
C THR B 252 3.42 24.05 -19.76
N THR B 253 3.84 22.79 -19.83
CA THR B 253 5.24 22.45 -19.61
C THR B 253 6.11 23.03 -20.72
N LYS B 254 5.70 22.82 -21.96
CA LYS B 254 6.46 23.31 -23.10
C LYS B 254 6.59 24.84 -23.08
N GLN B 255 5.55 25.53 -22.64
CA GLN B 255 5.58 26.99 -22.58
C GLN B 255 6.56 27.49 -21.53
N ILE B 256 6.57 26.86 -20.35
CA ILE B 256 7.49 27.29 -19.31
C ILE B 256 8.91 26.89 -19.63
N TYR B 257 9.07 25.80 -20.37
CA TYR B 257 10.40 25.33 -20.75
C TYR B 257 11.02 26.32 -21.72
N ASP B 258 10.25 26.65 -22.76
CA ASP B 258 10.73 27.58 -23.76
C ASP B 258 10.90 28.97 -23.17
N ASP B 259 9.82 29.51 -22.59
CA ASP B 259 9.87 30.85 -22.01
C ASP B 259 10.86 31.02 -20.89
N GLN B 260 10.95 30.02 -20.02
CA GLN B 260 11.84 30.12 -18.87
C GLN B 260 11.26 31.23 -18.01
N SER B 261 9.93 31.26 -17.97
CA SER B 261 9.15 32.22 -17.18
C SER B 261 7.73 31.72 -17.14
N LEU B 262 6.95 32.26 -16.20
CA LEU B 262 5.56 31.86 -16.02
C LEU B 262 4.60 32.85 -16.68
N VAL B 263 5.04 34.10 -16.81
CA VAL B 263 4.22 35.15 -17.37
C VAL B 263 3.23 34.76 -18.47
N ASN B 264 3.59 33.85 -19.36
CA ASN B 264 2.68 33.44 -20.43
C ASN B 264 1.71 32.31 -20.09
N VAL B 265 1.70 31.85 -18.84
CA VAL B 265 0.78 30.77 -18.47
C VAL B 265 -0.04 31.11 -17.25
N GLU B 266 0.47 32.02 -16.43
CA GLU B 266 -0.21 32.41 -15.20
C GLU B 266 -1.66 32.79 -15.34
N ASP B 267 -2.04 33.31 -16.51
CA ASP B 267 -3.43 33.71 -16.70
C ASP B 267 -4.23 32.72 -17.52
N LYS B 268 -3.71 31.50 -17.69
CA LYS B 268 -4.42 30.49 -18.48
C LYS B 268 -4.69 29.21 -17.70
N ILE B 269 -4.40 29.22 -16.41
CA ILE B 269 -4.59 28.07 -15.54
C ILE B 269 -5.35 28.57 -14.32
N VAL B 270 -5.96 27.68 -13.56
CA VAL B 270 -6.70 28.17 -12.42
C VAL B 270 -5.73 28.68 -11.36
N SER B 271 -6.26 29.43 -10.40
CA SER B 271 -5.41 29.95 -9.34
C SER B 271 -5.18 28.87 -8.29
N VAL B 272 -4.21 29.13 -7.42
CA VAL B 272 -3.85 28.21 -6.35
C VAL B 272 -4.99 28.12 -5.34
N LYS B 273 -5.82 29.17 -5.31
CA LYS B 273 -6.93 29.23 -4.36
C LYS B 273 -8.06 28.36 -4.86
N GLU B 274 -8.09 28.13 -6.17
CA GLU B 274 -9.11 27.26 -6.79
C GLU B 274 -8.78 25.83 -6.32
N ILE B 275 -7.49 25.52 -6.30
CA ILE B 275 -7.07 24.21 -5.85
C ILE B 275 -7.48 24.02 -4.40
N PHE B 276 -7.25 25.03 -3.56
CA PHE B 276 -7.60 24.92 -2.12
C PHE B 276 -9.09 24.61 -1.89
N ARG B 277 -9.92 25.13 -2.78
CA ARG B 277 -11.37 24.96 -2.73
C ARG B 277 -11.72 23.55 -3.17
N LEU B 278 -11.02 23.04 -4.18
CA LEU B 278 -11.32 21.67 -4.59
C LEU B 278 -10.88 20.72 -3.47
N GLN B 279 -9.81 21.05 -2.76
CA GLN B 279 -9.34 20.21 -1.66
C GLN B 279 -10.22 20.38 -0.42
N ARG B 280 -11.20 21.31 -0.49
CA ARG B 280 -12.10 21.58 0.62
C ARG B 280 -11.29 22.05 1.84
N ASP B 281 -10.34 22.95 1.56
CA ASP B 281 -9.45 23.52 2.57
C ASP B 281 -10.21 24.28 3.67
N ASP B 282 -11.36 24.82 3.28
CA ASP B 282 -12.25 25.59 4.14
C ASP B 282 -12.71 24.79 5.37
N GLU B 283 -13.08 23.54 5.14
CA GLU B 283 -13.57 22.67 6.20
C GLU B 283 -12.48 22.48 7.27
N LEU B 284 -11.24 22.34 6.81
CA LEU B 284 -10.14 22.12 7.74
C LEU B 284 -9.98 23.37 8.60
N VAL B 285 -10.08 24.51 7.94
CA VAL B 285 -9.98 25.79 8.61
C VAL B 285 -11.02 25.83 9.72
N GLN B 286 -12.28 25.64 9.35
CA GLN B 286 -13.36 25.67 10.32
C GLN B 286 -13.22 24.63 11.44
N ALA B 287 -12.71 23.45 11.13
CA ALA B 287 -12.58 22.40 12.14
C ALA B 287 -11.43 22.63 13.11
N GLU B 288 -10.34 23.20 12.62
CA GLU B 288 -9.19 23.48 13.48
C GLU B 288 -9.64 24.55 14.46
N ASP B 289 -10.61 25.34 14.05
CA ASP B 289 -11.14 26.38 14.91
C ASP B 289 -11.93 25.70 16.03
N LYS B 290 -12.65 24.64 15.69
CA LYS B 290 -13.43 23.92 16.68
C LYS B 290 -12.63 22.89 17.52
N TYR B 291 -11.48 22.44 17.05
CA TYR B 291 -10.77 21.41 17.82
C TYR B 291 -9.34 21.71 18.29
N LEU B 292 -8.80 22.83 17.86
CA LEU B 292 -7.46 23.21 18.30
C LEU B 292 -7.62 24.20 19.45
N PRO B 293 -6.91 23.96 20.58
CA PRO B 293 -7.05 24.89 21.71
C PRO B 293 -6.77 26.32 21.30
N LYS C 4 23.08 6.62 -17.60
CA LYS C 4 24.23 6.04 -16.84
C LYS C 4 24.49 6.81 -15.56
N VAL C 5 24.30 8.12 -15.58
CA VAL C 5 24.53 8.92 -14.39
C VAL C 5 23.37 8.79 -13.40
N LYS C 6 23.71 8.39 -12.17
CA LYS C 6 22.73 8.23 -11.11
C LYS C 6 21.87 9.50 -11.02
N LYS C 7 20.57 9.32 -10.75
CA LYS C 7 19.68 10.47 -10.62
C LYS C 7 20.09 11.39 -9.47
N THR C 8 20.46 10.78 -8.35
CA THR C 8 20.90 11.59 -7.21
C THR C 8 22.02 12.49 -7.70
N THR C 9 22.95 11.90 -8.42
CA THR C 9 24.09 12.65 -8.90
C THR C 9 23.69 13.75 -9.86
N GLN C 10 22.73 13.51 -10.74
CA GLN C 10 22.32 14.57 -11.67
C GLN C 10 21.77 15.75 -10.92
N LEU C 11 20.95 15.50 -9.89
CA LEU C 11 20.40 16.59 -9.10
C LEU C 11 21.55 17.31 -8.37
N LYS C 12 22.56 16.54 -7.94
CA LYS C 12 23.71 17.11 -7.22
C LYS C 12 24.42 18.12 -8.11
N GLN C 13 24.66 17.73 -9.35
CA GLN C 13 25.34 18.60 -10.30
C GLN C 13 24.53 19.90 -10.58
N MET C 14 23.21 19.80 -10.68
CA MET C 14 22.39 20.99 -10.95
C MET C 14 22.40 22.00 -9.81
N LEU C 15 22.31 21.51 -8.58
CA LEU C 15 22.34 22.39 -7.42
C LEU C 15 23.71 23.08 -7.32
N ASN C 16 24.76 22.30 -7.48
CA ASN C 16 26.12 22.82 -7.40
C ASN C 16 26.65 23.46 -8.68
N SER C 17 25.85 23.55 -9.73
CA SER C 17 26.34 24.14 -10.96
C SER C 17 26.30 25.66 -10.79
N LYS C 18 27.15 26.38 -11.51
CA LYS C 18 27.18 27.83 -11.42
C LYS C 18 26.28 28.48 -12.46
N ASP C 19 25.27 27.74 -12.93
CA ASP C 19 24.32 28.25 -13.91
C ASP C 19 22.93 28.02 -13.36
N LEU C 20 21.99 28.87 -13.74
CA LEU C 20 20.60 28.77 -13.31
C LEU C 20 19.95 27.54 -13.90
N GLU C 21 19.47 26.65 -13.02
CA GLU C 21 18.80 25.40 -13.44
C GLU C 21 17.30 25.46 -13.12
N PHE C 22 16.51 24.76 -13.92
CA PHE C 22 15.07 24.74 -13.72
C PHE C 22 14.46 23.34 -13.55
N ILE C 23 13.56 23.21 -12.59
CA ILE C 23 12.85 21.95 -12.44
C ILE C 23 11.34 22.30 -12.46
N MET C 24 10.58 21.47 -13.14
CA MET C 24 9.14 21.62 -13.32
C MET C 24 8.35 20.65 -12.42
N GLU C 25 7.20 21.10 -11.91
CA GLU C 25 6.40 20.22 -11.04
C GLU C 25 5.70 19.14 -11.84
N ALA C 26 5.47 18.01 -11.18
CA ALA C 26 4.75 16.88 -11.76
C ALA C 26 4.10 16.27 -10.52
N HIS C 27 2.98 15.57 -10.68
CA HIS C 27 2.31 15.02 -9.51
C HIS C 27 1.85 13.58 -9.65
N ASN C 28 2.27 12.91 -10.72
CA ASN C 28 1.93 11.52 -10.94
C ASN C 28 2.84 11.02 -12.04
N GLY C 29 2.84 9.71 -12.26
CA GLY C 29 3.69 9.15 -13.29
C GLY C 29 3.53 9.79 -14.65
N LEU C 30 2.29 10.00 -15.07
CA LEU C 30 2.04 10.60 -16.38
C LEU C 30 2.71 11.97 -16.54
N SER C 31 2.44 12.90 -15.62
CA SER C 31 3.05 14.22 -15.70
C SER C 31 4.58 14.13 -15.61
N ALA C 32 5.10 13.15 -14.89
CA ALA C 32 6.55 13.02 -14.79
C ALA C 32 7.17 12.73 -16.15
N ARG C 33 6.53 11.87 -16.94
CA ARG C 33 7.03 11.56 -18.28
C ARG C 33 6.99 12.80 -19.17
N ILE C 34 5.86 13.50 -19.15
CA ILE C 34 5.68 14.71 -19.93
C ILE C 34 6.76 15.74 -19.58
N VAL C 35 6.98 15.99 -18.29
CA VAL C 35 8.03 16.95 -17.94
C VAL C 35 9.36 16.47 -18.48
N GLN C 36 9.58 15.17 -18.49
CA GLN C 36 10.85 14.67 -19.00
C GLN C 36 10.99 14.88 -20.50
N GLU C 37 9.99 14.45 -21.24
CA GLU C 37 10.04 14.60 -22.69
C GLU C 37 10.19 16.07 -23.11
N ALA C 38 9.55 16.98 -22.39
CA ALA C 38 9.65 18.38 -22.73
C ALA C 38 11.09 18.85 -22.68
N GLY C 39 11.92 18.13 -21.93
CA GLY C 39 13.32 18.47 -21.83
C GLY C 39 13.82 18.99 -20.49
N PHE C 40 12.93 19.26 -19.54
CA PHE C 40 13.42 19.75 -18.26
C PHE C 40 14.43 18.76 -17.69
N LYS C 41 15.44 19.26 -16.96
CA LYS C 41 16.48 18.39 -16.41
C LYS C 41 16.14 17.79 -15.04
N GLY C 42 15.01 18.22 -14.48
CA GLY C 42 14.58 17.72 -13.18
C GLY C 42 13.09 17.92 -12.93
N ILE C 43 12.54 17.14 -12.02
CA ILE C 43 11.13 17.22 -11.68
C ILE C 43 11.00 17.60 -10.22
N TRP C 44 9.99 18.40 -9.91
CA TRP C 44 9.69 18.87 -8.56
C TRP C 44 8.47 18.11 -8.09
N GLY C 45 8.62 17.30 -7.04
CA GLY C 45 7.48 16.55 -6.55
C GLY C 45 6.71 17.44 -5.60
N SER C 46 5.84 18.27 -6.15
CA SER C 46 5.05 19.23 -5.37
C SER C 46 4.09 18.67 -4.32
N GLY C 47 4.35 18.97 -3.05
CA GLY C 47 3.51 18.50 -1.97
C GLY C 47 2.04 18.86 -2.16
N LEU C 48 1.80 20.10 -2.61
CA LEU C 48 0.42 20.52 -2.81
C LEU C 48 -0.25 19.76 -3.98
N SER C 49 0.50 19.57 -5.07
CA SER C 49 0.01 18.89 -6.25
C SER C 49 -0.24 17.40 -5.99
N VAL C 50 0.62 16.75 -5.22
CA VAL C 50 0.44 15.34 -4.90
C VAL C 50 -0.80 15.14 -4.01
N SER C 51 -0.92 15.91 -2.95
CA SER C 51 -2.09 15.79 -2.09
C SER C 51 -3.35 16.18 -2.87
N ALA C 52 -3.20 17.16 -3.76
CA ALA C 52 -4.32 17.65 -4.59
C ALA C 52 -4.87 16.57 -5.50
N GLN C 53 -4.01 16.01 -6.35
CA GLN C 53 -4.47 14.98 -7.27
C GLN C 53 -5.12 13.82 -6.51
N LEU C 54 -4.69 13.60 -5.26
CA LEU C 54 -5.30 12.53 -4.46
C LEU C 54 -6.68 13.00 -3.93
N GLY C 55 -6.95 14.30 -4.05
CA GLY C 55 -8.22 14.83 -3.58
C GLY C 55 -8.24 15.19 -2.11
N VAL C 56 -7.05 15.30 -1.50
CA VAL C 56 -6.99 15.64 -0.08
C VAL C 56 -6.30 16.98 0.14
N ARG C 57 -6.07 17.36 1.40
CA ARG C 57 -5.44 18.63 1.68
C ARG C 57 -3.96 18.51 1.93
N ASP C 58 -3.28 19.59 1.61
CA ASP C 58 -1.85 19.67 1.75
C ASP C 58 -1.50 19.91 3.20
N SER C 59 -1.93 19.00 4.08
CA SER C 59 -1.59 19.13 5.48
C SER C 59 -1.45 17.75 6.09
N ASN C 60 -0.56 16.97 5.50
CA ASN C 60 -0.27 15.64 6.00
C ASN C 60 -1.44 14.68 6.12
N GLU C 61 -2.44 14.81 5.25
CA GLU C 61 -3.56 13.90 5.34
C GLU C 61 -3.22 12.51 4.78
N ALA C 62 -2.65 12.46 3.58
CA ALA C 62 -2.25 11.18 3.01
C ALA C 62 -0.99 10.79 3.81
N SER C 63 -0.83 9.52 4.13
CA SER C 63 0.35 9.09 4.89
C SER C 63 1.61 9.31 4.08
N TRP C 64 2.77 9.35 4.73
CA TRP C 64 4.01 9.56 3.99
C TRP C 64 4.26 8.41 3.03
N THR C 65 3.81 7.20 3.39
CA THR C 65 4.02 6.08 2.48
C THR C 65 3.09 6.14 1.26
N GLN C 66 1.92 6.79 1.37
CA GLN C 66 1.02 6.92 0.22
C GLN C 66 1.66 7.94 -0.74
N VAL C 67 2.34 8.94 -0.18
CA VAL C 67 3.00 9.93 -0.98
C VAL C 67 4.24 9.29 -1.63
N VAL C 68 4.97 8.47 -0.88
CA VAL C 68 6.15 7.80 -1.42
C VAL C 68 5.78 6.90 -2.61
N GLU C 69 4.65 6.21 -2.52
CA GLU C 69 4.21 5.35 -3.61
C GLU C 69 3.86 6.12 -4.88
N VAL C 70 3.24 7.28 -4.73
CA VAL C 70 2.96 8.11 -5.90
C VAL C 70 4.30 8.44 -6.56
N LEU C 71 5.28 8.79 -5.73
CA LEU C 71 6.61 9.16 -6.19
C LEU C 71 7.37 7.98 -6.79
N GLU C 72 7.07 6.76 -6.35
CA GLU C 72 7.70 5.58 -6.89
C GLU C 72 7.28 5.44 -8.35
N PHE C 73 5.97 5.58 -8.61
CA PHE C 73 5.47 5.52 -9.98
C PHE C 73 6.06 6.66 -10.80
N MET C 74 6.20 7.84 -10.20
CA MET C 74 6.78 8.96 -10.93
C MET C 74 8.24 8.64 -11.27
N SER C 75 8.97 8.10 -10.29
CA SER C 75 10.37 7.77 -10.49
C SER C 75 10.48 6.68 -11.54
N ASP C 76 9.62 5.68 -11.47
CA ASP C 76 9.63 4.61 -12.48
C ASP C 76 9.42 5.14 -13.91
N ALA C 77 8.68 6.24 -14.07
CA ALA C 77 8.40 6.76 -15.41
C ALA C 77 9.33 7.87 -15.91
N SER C 78 10.39 8.17 -15.17
CA SER C 78 11.32 9.22 -15.59
C SER C 78 12.79 8.86 -15.41
N ASP C 79 13.62 9.49 -16.21
CA ASP C 79 15.06 9.26 -16.18
C ASP C 79 15.79 10.42 -15.52
N VAL C 80 15.08 11.53 -15.33
CA VAL C 80 15.68 12.69 -14.69
C VAL C 80 15.31 12.69 -13.20
N PRO C 81 16.14 13.34 -12.37
CA PRO C 81 15.91 13.41 -10.93
C PRO C 81 14.64 14.09 -10.46
N ILE C 82 14.12 13.58 -9.34
CA ILE C 82 12.95 14.17 -8.73
C ILE C 82 13.32 14.62 -7.34
N LEU C 83 13.06 15.89 -7.08
CA LEU C 83 13.28 16.49 -5.76
C LEU C 83 11.89 16.50 -5.13
N LEU C 84 11.71 15.74 -4.06
CA LEU C 84 10.42 15.67 -3.38
C LEU C 84 10.23 16.77 -2.33
N ASP C 85 9.02 17.31 -2.30
CA ASP C 85 8.62 18.32 -1.32
C ASP C 85 8.11 17.42 -0.19
N ALA C 86 8.92 17.25 0.85
CA ALA C 86 8.54 16.37 1.94
C ALA C 86 8.03 17.03 3.21
N ASP C 87 7.45 18.21 3.08
CA ASP C 87 6.94 18.91 4.24
C ASP C 87 8.06 19.06 5.28
N THR C 88 7.82 18.63 6.50
CA THR C 88 8.86 18.75 7.51
C THR C 88 9.52 17.40 7.71
N GLY C 89 9.15 16.45 6.87
CA GLY C 89 9.71 15.12 6.97
C GLY C 89 8.75 14.16 7.63
N TYR C 90 7.52 14.60 7.82
CA TYR C 90 6.46 13.77 8.39
C TYR C 90 6.66 13.28 9.81
N GLY C 91 7.39 14.02 10.63
CA GLY C 91 7.62 13.61 12.02
C GLY C 91 8.95 14.19 12.50
N ASN C 92 9.65 13.49 13.38
CA ASN C 92 10.95 14.00 13.85
C ASN C 92 12.11 13.48 13.00
N PHE C 93 13.33 13.62 13.50
CA PHE C 93 14.49 13.20 12.76
C PHE C 93 14.38 11.73 12.36
N ASN C 94 13.80 10.90 13.21
CA ASN C 94 13.70 9.48 12.88
C ASN C 94 12.78 9.20 11.67
N ASN C 95 11.69 9.95 11.56
CA ASN C 95 10.74 9.79 10.46
C ASN C 95 11.38 10.28 9.17
N ALA C 96 12.12 11.38 9.29
CA ALA C 96 12.81 11.98 8.18
C ALA C 96 13.92 11.10 7.65
N ARG C 97 14.66 10.42 8.54
CA ARG C 97 15.72 9.58 8.03
C ARG C 97 15.11 8.33 7.41
N ARG C 98 14.05 7.78 8.03
CA ARG C 98 13.39 6.62 7.44
C ARG C 98 12.88 6.97 6.03
N LEU C 99 12.37 8.18 5.87
CA LEU C 99 11.85 8.65 4.59
C LEU C 99 12.98 8.75 3.60
N VAL C 100 14.09 9.31 4.03
CA VAL C 100 15.26 9.44 3.16
C VAL C 100 15.74 8.10 2.62
N ARG C 101 15.78 7.08 3.46
CA ARG C 101 16.17 5.75 2.96
C ARG C 101 15.15 5.18 1.97
N LYS C 102 13.86 5.33 2.26
CA LYS C 102 12.85 4.79 1.35
C LYS C 102 12.89 5.48 -0.02
N LEU C 103 13.13 6.79 -0.03
CA LEU C 103 13.19 7.52 -1.29
C LEU C 103 14.42 7.08 -2.09
N GLU C 104 15.56 6.91 -1.42
CA GLU C 104 16.78 6.47 -2.11
C GLU C 104 16.43 5.20 -2.85
N ASP C 105 15.85 4.24 -2.14
CA ASP C 105 15.47 2.95 -2.74
C ASP C 105 14.43 3.02 -3.86
N ARG C 106 13.61 4.07 -3.86
CA ARG C 106 12.59 4.22 -4.88
C ARG C 106 13.14 4.94 -6.10
N GLY C 107 14.38 5.41 -6.02
CA GLY C 107 14.98 6.13 -7.14
C GLY C 107 14.86 7.65 -7.06
N VAL C 108 14.15 8.17 -6.07
CA VAL C 108 14.01 9.60 -5.89
C VAL C 108 15.41 10.15 -5.63
N ALA C 109 15.66 11.38 -6.07
CA ALA C 109 16.96 12.00 -5.97
C ALA C 109 17.25 12.90 -4.78
N GLY C 110 16.22 13.49 -4.21
CA GLY C 110 16.42 14.36 -3.09
C GLY C 110 15.11 14.64 -2.41
N ALA C 111 15.18 15.30 -1.27
CA ALA C 111 14.00 15.67 -0.52
C ALA C 111 14.23 17.07 0.02
N CYS C 112 13.15 17.83 0.03
CA CYS C 112 13.17 19.18 0.52
C CYS C 112 12.36 19.20 1.79
N LEU C 113 13.00 19.58 2.90
CA LEU C 113 12.37 19.67 4.20
C LEU C 113 12.36 21.11 4.68
N GLU C 114 11.24 21.54 5.26
CA GLU C 114 11.05 22.90 5.76
C GLU C 114 11.06 22.92 7.28
N ASP C 115 11.41 24.08 7.86
CA ASP C 115 11.47 24.21 9.31
C ASP C 115 10.20 24.73 9.99
N LYS C 116 9.08 24.07 9.71
CA LYS C 116 7.82 24.45 10.34
C LYS C 116 7.41 23.41 11.36
N LEU C 117 6.45 23.79 12.19
CA LEU C 117 5.94 22.92 13.23
C LEU C 117 5.08 21.80 12.68
N PHE C 118 5.19 20.62 13.28
CA PHE C 118 4.41 19.48 12.81
C PHE C 118 3.85 18.66 13.97
N PRO C 119 2.52 18.45 13.98
CA PRO C 119 1.56 18.92 12.97
C PRO C 119 1.16 20.40 13.11
N LYS C 120 0.14 20.67 13.92
CA LYS C 120 -0.35 22.04 14.13
C LYS C 120 -1.02 22.14 15.49
N GLN C 130 4.16 33.76 14.43
CA GLN C 130 4.33 32.61 13.54
C GLN C 130 5.53 31.76 13.95
N PRO C 131 5.44 31.11 15.12
CA PRO C 131 6.54 30.27 15.58
C PRO C 131 6.84 29.09 14.64
N LEU C 132 8.12 28.73 14.55
CA LEU C 132 8.55 27.65 13.69
C LEU C 132 9.23 26.62 14.59
N ALA C 133 9.89 25.64 13.98
CA ALA C 133 10.59 24.63 14.76
C ALA C 133 11.95 25.17 15.19
N ASP C 134 12.44 24.67 16.31
CA ASP C 134 13.73 25.11 16.82
C ASP C 134 14.85 24.90 15.80
N ILE C 135 15.77 25.86 15.73
CA ILE C 135 16.86 25.75 14.78
C ILE C 135 17.72 24.51 15.04
N GLU C 136 18.09 24.28 16.30
CA GLU C 136 18.92 23.12 16.67
C GLU C 136 18.24 21.79 16.36
N GLU C 137 16.93 21.78 16.54
CA GLU C 137 16.12 20.61 16.28
C GLU C 137 16.14 20.34 14.79
N PHE C 138 15.87 21.36 14.00
CA PHE C 138 15.84 21.20 12.56
C PHE C 138 17.23 21.00 12.00
N ALA C 139 18.23 21.42 12.74
CA ALA C 139 19.60 21.25 12.28
C ALA C 139 19.93 19.79 12.54
N LEU C 140 19.63 19.32 13.74
CA LEU C 140 19.89 17.92 14.02
C LEU C 140 19.17 17.04 13.00
N LYS C 141 18.03 17.52 12.47
CA LYS C 141 17.24 16.75 11.49
C LYS C 141 17.94 16.60 10.15
N ILE C 142 18.45 17.70 9.63
CA ILE C 142 19.16 17.70 8.36
C ILE C 142 20.35 16.79 8.52
N LYS C 143 21.06 16.95 9.63
CA LYS C 143 22.26 16.16 9.92
C LYS C 143 21.95 14.68 10.01
N ALA C 144 20.83 14.35 10.65
CA ALA C 144 20.40 12.96 10.76
C ALA C 144 20.23 12.40 9.34
N CYS C 145 19.56 13.18 8.50
CA CYS C 145 19.32 12.76 7.10
C CYS C 145 20.66 12.54 6.43
N LYS C 146 21.51 13.55 6.54
CA LYS C 146 22.84 13.51 5.98
C LYS C 146 23.67 12.36 6.48
N ASP C 147 23.48 11.94 7.73
CA ASP C 147 24.27 10.82 8.24
C ASP C 147 23.67 9.49 7.86
N SER C 148 22.40 9.50 7.43
CA SER C 148 21.70 8.27 7.10
C SER C 148 21.76 7.85 5.65
N GLN C 149 22.07 8.78 4.76
CA GLN C 149 22.14 8.51 3.34
C GLN C 149 23.10 7.38 3.04
N THR C 150 22.73 6.50 2.12
CA THR C 150 23.64 5.44 1.73
C THR C 150 24.22 5.82 0.38
N ASP C 151 23.64 6.86 -0.24
CA ASP C 151 24.10 7.38 -1.54
C ASP C 151 24.63 8.78 -1.24
N PRO C 152 25.94 8.98 -1.36
CA PRO C 152 26.52 10.30 -1.06
C PRO C 152 25.93 11.43 -1.89
N ASP C 153 25.35 11.09 -3.04
CA ASP C 153 24.80 12.12 -3.90
C ASP C 153 23.32 12.45 -3.71
N PHE C 154 22.65 11.78 -2.79
CA PHE C 154 21.24 12.09 -2.52
C PHE C 154 21.24 13.50 -1.96
N CYS C 155 20.29 14.33 -2.36
CA CYS C 155 20.24 15.72 -1.88
C CYS C 155 19.19 16.03 -0.84
N ILE C 156 19.58 16.84 0.13
CA ILE C 156 18.70 17.31 1.19
C ILE C 156 18.67 18.82 0.99
N VAL C 157 17.54 19.37 0.60
CA VAL C 157 17.44 20.80 0.41
C VAL C 157 16.62 21.37 1.56
N ALA C 158 17.25 22.23 2.36
CA ALA C 158 16.61 22.84 3.53
C ALA C 158 15.82 24.07 3.18
N ARG C 159 14.54 24.08 3.53
CA ARG C 159 13.68 25.20 3.24
C ARG C 159 13.44 26.08 4.47
N VAL C 160 13.83 27.34 4.37
CA VAL C 160 13.67 28.29 5.47
C VAL C 160 12.33 29.05 5.36
N GLU C 161 11.49 28.87 6.37
CA GLU C 161 10.17 29.51 6.41
C GLU C 161 10.17 30.75 7.31
N ALA C 162 11.35 31.32 7.55
CA ALA C 162 11.47 32.50 8.38
C ALA C 162 10.70 33.68 7.79
N PHE C 163 11.00 34.07 6.56
CA PHE C 163 10.31 35.20 5.94
C PHE C 163 8.79 35.00 5.89
N ILE C 164 8.37 33.83 5.43
CA ILE C 164 6.94 33.55 5.31
C ILE C 164 6.23 33.75 6.64
N ALA C 165 6.87 33.30 7.71
CA ALA C 165 6.30 33.38 9.07
C ALA C 165 6.35 34.78 9.70
N GLY C 166 6.89 35.76 8.99
CA GLY C 166 6.96 37.10 9.53
C GLY C 166 8.25 37.57 10.18
N TRP C 167 9.25 36.69 10.30
CA TRP C 167 10.52 37.09 10.91
C TRP C 167 11.36 37.87 9.89
N GLY C 168 12.51 38.36 10.31
CA GLY C 168 13.34 39.14 9.41
C GLY C 168 14.48 38.41 8.72
N LEU C 169 15.29 39.16 7.99
CA LEU C 169 16.42 38.63 7.26
C LEU C 169 17.29 37.89 8.27
N ASP C 170 17.41 38.48 9.44
CA ASP C 170 18.20 37.94 10.53
C ASP C 170 17.83 36.48 10.86
N GLU C 171 16.53 36.19 10.99
CA GLU C 171 16.08 34.83 11.27
C GLU C 171 16.39 33.92 10.11
N ALA C 172 16.06 34.40 8.90
CA ALA C 172 16.31 33.66 7.69
C ALA C 172 17.78 33.20 7.63
N LEU C 173 18.70 34.17 7.62
CA LEU C 173 20.14 33.91 7.56
C LEU C 173 20.59 32.93 8.62
N LYS C 174 20.31 33.26 9.87
CA LYS C 174 20.70 32.40 10.97
C LYS C 174 20.28 30.95 10.67
N ARG C 175 19.06 30.78 10.15
CA ARG C 175 18.51 29.46 9.82
C ARG C 175 19.28 28.83 8.65
N ALA C 176 19.37 29.56 7.52
CA ALA C 176 20.09 29.06 6.36
C ALA C 176 21.51 28.61 6.74
N GLU C 177 22.20 29.42 7.53
CA GLU C 177 23.56 29.03 7.89
C GLU C 177 23.57 27.80 8.79
N ALA C 178 22.66 27.73 9.76
CA ALA C 178 22.62 26.56 10.62
C ALA C 178 22.36 25.29 9.79
N TYR C 179 21.49 25.41 8.78
CA TYR C 179 21.14 24.26 7.95
C TYR C 179 22.27 23.88 7.01
N ARG C 180 22.82 24.85 6.31
CA ARG C 180 23.94 24.61 5.41
C ARG C 180 25.07 23.95 6.22
N ASN C 181 25.27 24.40 7.45
CA ASN C 181 26.32 23.85 8.30
C ASN C 181 26.00 22.42 8.74
N ALA C 182 24.72 22.06 8.77
CA ALA C 182 24.34 20.72 9.16
C ALA C 182 24.50 19.75 8.00
N GLY C 183 24.75 20.28 6.82
CA GLY C 183 24.93 19.43 5.66
C GLY C 183 23.99 19.65 4.49
N ALA C 184 23.02 20.56 4.62
CA ALA C 184 22.10 20.79 3.52
C ALA C 184 22.89 21.01 2.23
N ASP C 185 22.40 20.44 1.13
CA ASP C 185 23.03 20.57 -0.18
C ASP C 185 22.62 21.86 -0.86
N ALA C 186 21.52 22.44 -0.37
CA ALA C 186 21.03 23.69 -0.92
C ALA C 186 20.02 24.28 0.06
N ILE C 187 19.72 25.55 -0.12
CA ILE C 187 18.79 26.26 0.74
C ILE C 187 17.67 26.79 -0.15
N LEU C 188 16.42 26.54 0.24
CA LEU C 188 15.30 27.07 -0.54
C LEU C 188 14.77 28.23 0.29
N MET C 189 14.99 29.43 -0.21
CA MET C 189 14.54 30.65 0.44
C MET C 189 13.29 31.09 -0.29
N HIS C 190 12.19 31.17 0.46
CA HIS C 190 10.91 31.55 -0.12
C HIS C 190 10.35 32.82 0.49
N SER C 191 9.39 33.38 -0.22
CA SER C 191 8.73 34.59 0.17
C SER C 191 7.38 34.63 -0.55
N LYS C 192 6.32 34.98 0.16
CA LYS C 192 4.97 35.09 -0.41
C LYS C 192 4.72 36.49 -0.98
N LYS C 193 5.70 37.38 -0.83
CA LYS C 193 5.55 38.75 -1.33
C LYS C 193 5.43 38.75 -2.84
N ALA C 194 4.85 39.81 -3.40
CA ALA C 194 4.67 39.93 -4.85
C ALA C 194 5.93 40.36 -5.63
N ASP C 195 7.04 40.59 -4.94
CA ASP C 195 8.29 40.95 -5.62
C ASP C 195 9.44 40.21 -4.94
N PRO C 196 10.63 40.17 -5.57
CA PRO C 196 11.79 39.47 -5.01
C PRO C 196 12.61 40.11 -3.88
N SER C 197 12.00 40.97 -3.06
CA SER C 197 12.74 41.65 -1.98
C SER C 197 13.37 40.78 -0.88
N ASP C 198 12.59 39.91 -0.24
CA ASP C 198 13.18 39.05 0.79
C ASP C 198 14.34 38.24 0.21
N ILE C 199 14.23 37.91 -1.07
CA ILE C 199 15.23 37.13 -1.80
C ILE C 199 16.48 37.92 -2.15
N GLU C 200 16.29 39.16 -2.62
CA GLU C 200 17.44 40.01 -2.99
C GLU C 200 18.18 40.41 -1.73
N ALA C 201 17.43 40.64 -0.66
CA ALA C 201 18.00 41.01 0.63
C ALA C 201 18.75 39.81 1.19
N PHE C 202 18.22 38.61 0.92
CA PHE C 202 18.86 37.39 1.37
C PHE C 202 20.11 37.17 0.54
N MET C 203 19.97 37.15 -0.79
CA MET C 203 21.12 36.94 -1.68
C MET C 203 22.35 37.76 -1.28
N LYS C 204 22.15 39.06 -0.99
CA LYS C 204 23.25 39.91 -0.59
C LYS C 204 23.85 39.39 0.71
N ALA C 205 23.00 39.18 1.71
CA ALA C 205 23.43 38.68 3.02
C ALA C 205 24.03 37.28 3.05
N TRP C 206 23.51 36.37 2.22
CA TRP C 206 23.97 34.97 2.15
C TRP C 206 25.48 34.82 1.99
N ASN C 207 26.05 35.61 1.09
CA ASN C 207 27.48 35.57 0.81
C ASN C 207 27.88 34.35 0.00
N ASN C 208 26.90 33.72 -0.64
CA ASN C 208 27.17 32.56 -1.47
C ASN C 208 27.74 31.39 -0.65
N GLN C 209 27.25 31.21 0.56
CA GLN C 209 27.74 30.11 1.39
C GLN C 209 27.31 28.74 0.84
N GLY C 210 26.38 28.74 -0.13
CA GLY C 210 25.90 27.50 -0.71
C GLY C 210 24.82 27.78 -1.75
N PRO C 211 24.51 26.82 -2.64
CA PRO C 211 23.47 27.04 -3.66
C PRO C 211 22.14 27.44 -3.03
N VAL C 212 21.44 28.39 -3.64
CA VAL C 212 20.15 28.84 -3.13
C VAL C 212 19.07 28.43 -4.14
N VAL C 213 17.90 28.03 -3.65
CA VAL C 213 16.79 27.63 -4.54
C VAL C 213 15.57 28.51 -4.27
N ILE C 214 14.94 29.05 -5.32
CA ILE C 214 13.74 29.89 -5.17
C ILE C 214 12.52 29.40 -5.93
N VAL C 215 11.35 29.75 -5.40
CA VAL C 215 10.04 29.40 -5.94
C VAL C 215 9.36 30.74 -6.23
N PRO C 216 9.51 31.26 -7.46
CA PRO C 216 8.93 32.54 -7.89
C PRO C 216 7.45 32.53 -8.29
N THR C 217 6.62 31.86 -7.51
CA THR C 217 5.19 31.78 -7.82
C THR C 217 4.48 33.14 -7.72
N LYS C 218 4.78 33.89 -6.66
CA LYS C 218 4.17 35.20 -6.40
C LYS C 218 4.86 36.41 -7.08
N TYR C 219 6.13 36.28 -7.41
CA TYR C 219 6.87 37.35 -8.08
C TYR C 219 7.27 36.89 -9.46
N TYR C 220 6.37 36.14 -10.09
CA TYR C 220 6.62 35.56 -11.41
C TYR C 220 6.87 36.56 -12.52
N LYS C 221 6.49 37.81 -12.29
CA LYS C 221 6.71 38.87 -13.30
C LYS C 221 8.17 39.32 -13.32
N THR C 222 8.88 39.12 -12.21
CA THR C 222 10.31 39.48 -12.13
C THR C 222 11.05 38.71 -13.23
N PRO C 223 11.82 39.40 -14.08
CA PRO C 223 12.55 38.68 -15.13
C PRO C 223 13.46 37.59 -14.56
N THR C 224 13.75 36.57 -15.36
CA THR C 224 14.58 35.47 -14.89
C THR C 224 16.07 35.79 -14.80
N ASP C 225 16.57 36.64 -15.69
CA ASP C 225 17.97 37.02 -15.67
C ASP C 225 18.32 37.71 -14.35
N HIS C 226 17.32 38.33 -13.74
CA HIS C 226 17.50 38.99 -12.47
C HIS C 226 17.92 37.93 -11.43
N PHE C 227 17.50 36.70 -11.65
CA PHE C 227 17.84 35.60 -10.75
C PHE C 227 19.27 35.15 -11.05
N ARG C 228 19.67 35.33 -12.29
CA ARG C 228 21.02 34.95 -12.68
C ARG C 228 22.01 35.93 -12.06
N ASP C 229 21.67 37.21 -12.08
CA ASP C 229 22.56 38.23 -11.53
C ASP C 229 22.64 38.11 -10.00
N MET C 230 21.56 37.70 -9.36
CA MET C 230 21.59 37.54 -7.91
C MET C 230 22.36 36.28 -7.56
N GLY C 231 22.83 35.57 -8.57
CA GLY C 231 23.57 34.35 -8.34
C GLY C 231 22.74 33.12 -8.01
N VAL C 232 21.42 33.24 -8.07
CA VAL C 232 20.52 32.13 -7.77
C VAL C 232 20.89 30.86 -8.54
N SER C 233 20.84 29.72 -7.85
CA SER C 233 21.23 28.47 -8.48
C SER C 233 20.17 27.64 -9.17
N MET C 234 18.97 27.59 -8.59
CA MET C 234 17.91 26.80 -9.18
C MET C 234 16.55 27.40 -8.91
N VAL C 235 15.71 27.40 -9.94
CA VAL C 235 14.36 27.92 -9.84
C VAL C 235 13.35 26.78 -9.95
N ILE C 236 12.34 26.83 -9.09
CA ILE C 236 11.29 25.82 -9.13
C ILE C 236 9.97 26.40 -9.66
N TRP C 237 9.41 25.78 -10.70
CA TRP C 237 8.11 26.17 -11.24
C TRP C 237 7.25 25.18 -10.42
N ALA C 238 6.63 25.69 -9.36
CA ALA C 238 5.89 24.91 -8.37
C ALA C 238 4.60 24.15 -8.53
N ASN C 239 3.70 24.57 -9.42
CA ASN C 239 2.43 23.87 -9.44
C ASN C 239 1.61 24.17 -10.67
N HIS C 240 2.27 24.67 -11.69
CA HIS C 240 1.55 25.02 -12.90
C HIS C 240 0.91 23.86 -13.67
N ASN C 241 1.44 22.65 -13.56
CA ASN C 241 0.84 21.51 -14.28
C ASN C 241 -0.45 21.02 -13.62
N LEU C 242 -0.48 21.09 -12.30
CA LEU C 242 -1.68 20.70 -11.58
C LEU C 242 -2.75 21.71 -11.94
N ARG C 243 -2.37 22.99 -11.90
CA ARG C 243 -3.28 24.08 -12.20
C ARG C 243 -3.74 24.05 -13.66
N ALA C 244 -2.82 23.72 -14.58
CA ALA C 244 -3.18 23.64 -15.99
C ALA C 244 -4.15 22.48 -16.15
N SER C 245 -3.83 21.35 -15.51
CA SER C 245 -4.67 20.16 -15.58
C SER C 245 -6.11 20.38 -15.07
N VAL C 246 -6.25 21.00 -13.90
CA VAL C 246 -7.57 21.25 -13.32
C VAL C 246 -8.46 22.08 -14.26
N SER C 247 -7.87 23.10 -14.89
CA SER C 247 -8.62 23.97 -15.82
C SER C 247 -9.12 23.17 -17.01
N ALA C 248 -8.23 22.37 -17.60
CA ALA C 248 -8.59 21.57 -18.76
C ALA C 248 -9.66 20.56 -18.39
N ILE C 249 -9.51 19.91 -17.24
CA ILE C 249 -10.49 18.92 -16.80
C ILE C 249 -11.83 19.58 -16.48
N GLN C 250 -11.79 20.75 -15.84
CA GLN C 250 -13.04 21.44 -15.52
C GLN C 250 -13.79 21.82 -16.80
N GLN C 251 -13.02 22.26 -17.80
CA GLN C 251 -13.56 22.67 -19.09
C GLN C 251 -14.19 21.51 -19.86
N THR C 252 -13.42 20.46 -20.05
CA THR C 252 -13.91 19.31 -20.78
C THR C 252 -15.08 18.62 -20.06
N THR C 253 -15.06 18.59 -18.73
CA THR C 253 -16.15 17.95 -18.01
C THR C 253 -17.46 18.76 -18.18
N LYS C 254 -17.33 20.09 -18.16
CA LYS C 254 -18.48 20.96 -18.35
C LYS C 254 -18.97 20.83 -19.80
N GLN C 255 -18.02 20.80 -20.73
CA GLN C 255 -18.35 20.71 -22.15
C GLN C 255 -19.17 19.44 -22.47
N ILE C 256 -18.72 18.29 -21.97
CA ILE C 256 -19.41 17.02 -22.19
C ILE C 256 -20.75 16.95 -21.49
N TYR C 257 -20.78 17.46 -20.25
CA TYR C 257 -21.98 17.49 -19.44
C TYR C 257 -23.13 18.26 -20.14
N ASP C 258 -22.78 19.44 -20.65
CA ASP C 258 -23.73 20.30 -21.34
C ASP C 258 -24.11 19.71 -22.71
N ASP C 259 -23.11 19.29 -23.50
CA ASP C 259 -23.39 18.72 -24.83
C ASP C 259 -23.98 17.31 -24.85
N GLN C 260 -23.64 16.49 -23.87
CA GLN C 260 -24.10 15.09 -23.83
C GLN C 260 -23.61 14.39 -25.09
N SER C 261 -22.42 14.78 -25.53
CA SER C 261 -21.78 14.21 -26.69
C SER C 261 -20.30 14.62 -26.60
N LEU C 262 -19.45 14.02 -27.43
CA LEU C 262 -18.03 14.31 -27.39
C LEU C 262 -17.59 15.18 -28.56
N VAL C 263 -18.54 15.45 -29.44
CA VAL C 263 -18.29 16.27 -30.61
C VAL C 263 -17.45 17.53 -30.36
N ASN C 264 -17.65 18.19 -29.23
CA ASN C 264 -16.92 19.40 -28.93
C ASN C 264 -15.64 19.26 -28.08
N VAL C 265 -15.19 18.02 -27.88
CA VAL C 265 -13.97 17.80 -27.10
C VAL C 265 -12.93 17.01 -27.88
N GLU C 266 -13.40 16.03 -28.65
CA GLU C 266 -12.55 15.15 -29.44
C GLU C 266 -11.37 15.74 -30.20
N ASP C 267 -11.49 16.98 -30.68
CA ASP C 267 -10.41 17.59 -31.45
C ASP C 267 -9.61 18.58 -30.65
N LYS C 268 -10.03 18.82 -29.41
CA LYS C 268 -9.33 19.77 -28.55
C LYS C 268 -8.47 19.03 -27.53
N ILE C 269 -8.33 17.72 -27.72
CA ILE C 269 -7.55 16.89 -26.79
C ILE C 269 -6.69 15.84 -27.47
N VAL C 270 -5.72 15.35 -26.71
CA VAL C 270 -4.80 14.32 -27.17
C VAL C 270 -5.57 13.06 -27.54
N SER C 271 -5.07 12.33 -28.52
CA SER C 271 -5.74 11.10 -28.95
C SER C 271 -5.45 10.01 -27.96
N VAL C 272 -6.15 8.90 -28.11
CA VAL C 272 -5.95 7.73 -27.26
C VAL C 272 -4.57 7.15 -27.59
N LYS C 273 -4.18 7.20 -28.86
CA LYS C 273 -2.88 6.65 -29.22
C LYS C 273 -1.71 7.45 -28.60
N GLU C 274 -1.90 8.75 -28.35
CA GLU C 274 -0.84 9.51 -27.73
C GLU C 274 -0.75 9.05 -26.25
N ILE C 275 -1.86 8.60 -25.68
CA ILE C 275 -1.86 8.08 -24.31
C ILE C 275 -1.00 6.80 -24.31
N PHE C 276 -1.27 5.88 -25.22
CA PHE C 276 -0.49 4.64 -25.29
C PHE C 276 1.01 4.89 -25.48
N ARG C 277 1.35 5.87 -26.30
CA ARG C 277 2.76 6.17 -26.52
C ARG C 277 3.42 6.59 -25.20
N LEU C 278 2.74 7.44 -24.44
CA LEU C 278 3.27 7.89 -23.17
C LEU C 278 3.42 6.72 -22.18
N GLN C 279 2.51 5.74 -22.27
CA GLN C 279 2.60 4.58 -21.39
C GLN C 279 3.68 3.63 -21.90
N ARG C 280 4.34 4.00 -22.99
CA ARG C 280 5.35 3.11 -23.59
C ARG C 280 4.68 1.80 -23.97
N ASP C 281 3.49 1.86 -24.54
CA ASP C 281 2.79 0.64 -24.89
C ASP C 281 3.47 -0.26 -25.94
N ASP C 282 4.22 0.35 -26.85
CA ASP C 282 4.94 -0.33 -27.91
C ASP C 282 5.99 -1.28 -27.36
N GLU C 283 6.65 -0.87 -26.27
CA GLU C 283 7.67 -1.71 -25.64
C GLU C 283 7.00 -3.02 -25.22
N LEU C 284 5.77 -2.95 -24.73
CA LEU C 284 5.10 -4.19 -24.31
C LEU C 284 4.67 -4.94 -25.52
N VAL C 285 4.10 -4.25 -26.51
CA VAL C 285 3.67 -4.93 -27.72
C VAL C 285 4.83 -5.76 -28.27
N GLN C 286 6.03 -5.21 -28.20
CA GLN C 286 7.23 -5.88 -28.68
C GLN C 286 7.73 -7.00 -27.74
N ALA C 287 7.55 -6.81 -26.44
CA ALA C 287 7.97 -7.82 -25.47
C ALA C 287 7.06 -9.04 -25.58
N GLU C 288 5.79 -8.78 -25.86
CA GLU C 288 4.80 -9.84 -25.99
C GLU C 288 5.03 -10.69 -27.24
N ASP C 289 5.61 -10.10 -28.27
CA ASP C 289 5.84 -10.87 -29.49
C ASP C 289 7.07 -11.75 -29.29
N LYS C 290 7.97 -11.28 -28.44
CA LYS C 290 9.19 -11.98 -28.11
C LYS C 290 9.02 -12.98 -26.97
N TYR C 291 8.08 -12.72 -26.08
CA TYR C 291 7.90 -13.59 -24.92
C TYR C 291 6.65 -14.46 -24.90
N LEU C 292 5.73 -14.24 -25.83
CA LEU C 292 4.52 -15.06 -25.90
C LEU C 292 4.62 -16.09 -27.03
N PRO C 293 4.58 -17.38 -26.69
CA PRO C 293 4.67 -18.49 -27.64
C PRO C 293 3.77 -18.35 -28.87
N LYS C 294 4.15 -19.05 -29.94
CA LYS C 294 3.40 -19.04 -31.19
C LYS C 294 2.08 -19.82 -31.10
N LYS D 4 30.51 -5.31 3.77
CA LYS D 4 29.57 -6.38 3.32
C LYS D 4 29.44 -6.52 1.79
N VAL D 5 28.84 -7.65 1.39
CA VAL D 5 28.60 -7.95 -0.02
C VAL D 5 27.11 -7.96 -0.29
N LYS D 6 26.73 -7.72 -1.55
CA LYS D 6 25.34 -7.69 -1.94
C LYS D 6 24.59 -8.98 -1.62
N LYS D 7 23.37 -8.85 -1.14
CA LYS D 7 22.57 -10.03 -0.83
C LYS D 7 22.39 -10.89 -2.10
N THR D 8 22.15 -10.24 -3.24
CA THR D 8 21.96 -11.00 -4.46
C THR D 8 23.17 -11.91 -4.66
N THR D 9 24.36 -11.32 -4.60
CA THR D 9 25.59 -12.08 -4.77
C THR D 9 25.73 -13.21 -3.75
N GLN D 10 25.35 -12.98 -2.49
CA GLN D 10 25.44 -14.05 -1.48
C GLN D 10 24.57 -15.25 -1.92
N LEU D 11 23.36 -14.97 -2.39
CA LEU D 11 22.47 -16.06 -2.83
C LEU D 11 23.06 -16.82 -4.02
N LYS D 12 23.57 -16.09 -5.02
CA LYS D 12 24.12 -16.73 -6.20
C LYS D 12 25.31 -17.63 -5.85
N GLN D 13 26.16 -17.15 -4.95
CA GLN D 13 27.31 -17.94 -4.52
C GLN D 13 26.82 -19.20 -3.81
N MET D 14 25.79 -19.08 -2.97
CA MET D 14 25.27 -20.27 -2.26
C MET D 14 24.70 -21.29 -3.26
N LEU D 15 24.05 -20.82 -4.31
CA LEU D 15 23.49 -21.74 -5.29
C LEU D 15 24.61 -22.39 -6.09
N ASN D 16 25.63 -21.63 -6.45
CA ASN D 16 26.70 -22.20 -7.25
C ASN D 16 27.73 -22.97 -6.41
N SER D 17 27.72 -22.75 -5.10
CA SER D 17 28.64 -23.41 -4.18
C SER D 17 28.62 -24.94 -4.38
N LYS D 18 29.63 -25.63 -3.87
CA LYS D 18 29.64 -27.09 -3.98
C LYS D 18 29.19 -27.69 -2.64
N ASP D 19 29.06 -26.83 -1.65
CA ASP D 19 28.61 -27.21 -0.31
C ASP D 19 27.10 -27.24 -0.36
N LEU D 20 26.49 -28.02 0.53
CA LEU D 20 25.04 -28.08 0.59
C LEU D 20 24.68 -26.89 1.45
N GLU D 21 23.86 -25.98 0.91
CA GLU D 21 23.44 -24.77 1.61
C GLU D 21 22.00 -24.92 2.17
N PHE D 22 21.70 -24.22 3.25
CA PHE D 22 20.37 -24.27 3.88
C PHE D 22 19.76 -22.86 4.00
N ILE D 23 18.47 -22.71 3.71
CA ILE D 23 17.82 -21.43 3.92
C ILE D 23 16.57 -21.73 4.74
N MET D 24 16.34 -20.91 5.76
CA MET D 24 15.23 -21.10 6.71
C MET D 24 14.04 -20.17 6.45
N GLU D 25 12.83 -20.72 6.63
CA GLU D 25 11.57 -20.00 6.43
C GLU D 25 11.34 -18.87 7.43
N ALA D 26 10.90 -17.74 6.88
CA ALA D 26 10.53 -16.59 7.69
C ALA D 26 9.28 -16.06 6.96
N HIS D 27 8.37 -15.45 7.70
CA HIS D 27 7.14 -14.96 7.08
C HIS D 27 6.87 -13.50 7.39
N ASN D 28 7.68 -12.91 8.24
CA ASN D 28 7.49 -11.50 8.54
C ASN D 28 8.78 -10.86 9.03
N GLY D 29 8.75 -9.56 9.27
CA GLY D 29 9.95 -8.88 9.71
C GLY D 29 10.60 -9.48 10.94
N LEU D 30 9.79 -9.81 11.93
CA LEU D 30 10.31 -10.38 13.18
C LEU D 30 11.03 -11.70 12.93
N SER D 31 10.36 -12.64 12.25
CA SER D 31 10.98 -13.93 11.99
C SER D 31 12.22 -13.84 11.09
N ALA D 32 12.27 -12.85 10.19
CA ALA D 32 13.44 -12.72 9.34
C ALA D 32 14.64 -12.44 10.23
N ARG D 33 14.43 -11.54 11.20
CA ARG D 33 15.44 -11.13 12.17
C ARG D 33 15.94 -12.31 13.02
N ILE D 34 15.02 -13.16 13.48
CA ILE D 34 15.42 -14.29 14.30
C ILE D 34 16.21 -15.28 13.46
N VAL D 35 15.80 -15.50 12.23
CA VAL D 35 16.55 -16.42 11.38
C VAL D 35 18.02 -15.99 11.14
N GLN D 36 18.24 -14.71 10.96
CA GLN D 36 19.59 -14.21 10.73
C GLN D 36 20.46 -14.42 11.97
N GLU D 37 19.93 -14.01 13.14
CA GLU D 37 20.63 -14.14 14.41
C GLU D 37 21.01 -15.60 14.70
N ALA D 38 20.20 -16.53 14.22
CA ALA D 38 20.50 -17.95 14.45
C ALA D 38 21.73 -18.40 13.68
N GLY D 39 22.05 -17.72 12.59
CA GLY D 39 23.21 -18.08 11.80
C GLY D 39 22.94 -18.52 10.35
N PHE D 40 21.67 -18.66 9.96
CA PHE D 40 21.37 -19.05 8.59
C PHE D 40 21.89 -18.02 7.60
N LYS D 41 22.48 -18.52 6.53
CA LYS D 41 23.05 -17.70 5.48
C LYS D 41 22.00 -17.24 4.50
N GLY D 42 20.73 -17.66 4.72
CA GLY D 42 19.66 -17.30 3.82
C GLY D 42 18.27 -17.54 4.39
N ILE D 43 17.28 -16.89 3.78
CA ILE D 43 15.87 -16.95 4.19
C ILE D 43 14.96 -17.34 3.02
N TRP D 44 13.98 -18.20 3.30
CA TRP D 44 12.98 -18.59 2.30
C TRP D 44 11.66 -17.86 2.63
N GLY D 45 11.28 -16.95 1.75
CA GLY D 45 10.03 -16.21 1.92
C GLY D 45 8.95 -17.09 1.35
N SER D 46 8.51 -18.01 2.20
CA SER D 46 7.49 -19.01 1.88
C SER D 46 6.17 -18.41 1.48
N GLY D 47 5.64 -18.84 0.34
CA GLY D 47 4.35 -18.34 -0.12
C GLY D 47 3.25 -18.69 0.86
N LEU D 48 3.26 -19.92 1.33
CA LEU D 48 2.27 -20.36 2.29
C LEU D 48 2.37 -19.59 3.62
N SER D 49 3.57 -19.30 4.09
CA SER D 49 3.73 -18.59 5.37
C SER D 49 3.25 -17.15 5.33
N VAL D 50 3.61 -16.44 4.25
CA VAL D 50 3.22 -15.04 4.13
C VAL D 50 1.70 -14.96 4.09
N SER D 51 1.10 -15.71 3.17
CA SER D 51 -0.35 -15.75 3.03
C SER D 51 -1.00 -16.05 4.37
N ALA D 52 -0.61 -17.18 4.95
CA ALA D 52 -1.13 -17.62 6.25
C ALA D 52 -1.07 -16.52 7.32
N GLN D 53 0.10 -15.94 7.56
CA GLN D 53 0.21 -14.91 8.59
C GLN D 53 -0.77 -13.74 8.38
N LEU D 54 -1.17 -13.55 7.13
CA LEU D 54 -2.11 -12.48 6.79
C LEU D 54 -3.54 -12.96 7.02
N GLY D 55 -3.69 -14.26 7.22
CA GLY D 55 -5.01 -14.80 7.47
C GLY D 55 -5.73 -15.15 6.19
N VAL D 56 -5.00 -15.34 5.09
CA VAL D 56 -5.62 -15.69 3.81
C VAL D 56 -5.10 -17.01 3.22
N ARG D 57 -5.73 -17.48 2.15
CA ARG D 57 -5.32 -18.73 1.53
C ARG D 57 -4.11 -18.55 0.62
N ASP D 58 -3.35 -19.61 0.46
CA ASP D 58 -2.20 -19.58 -0.42
C ASP D 58 -2.71 -19.79 -1.85
N SER D 59 -3.46 -18.82 -2.37
CA SER D 59 -4.02 -18.90 -3.73
C SER D 59 -4.05 -17.50 -4.35
N ASN D 60 -2.98 -16.75 -4.13
CA ASN D 60 -2.86 -15.39 -4.65
C ASN D 60 -4.06 -14.53 -4.24
N GLU D 61 -4.42 -14.55 -2.96
CA GLU D 61 -5.52 -13.73 -2.52
C GLU D 61 -5.00 -12.35 -2.17
N ALA D 62 -3.95 -12.28 -1.37
CA ALA D 62 -3.36 -10.99 -1.06
C ALA D 62 -2.71 -10.64 -2.42
N SER D 63 -2.47 -9.36 -2.69
CA SER D 63 -1.90 -9.02 -4.00
C SER D 63 -0.40 -9.06 -3.97
N TRP D 64 0.18 -9.09 -5.16
CA TRP D 64 1.63 -9.16 -5.20
C TRP D 64 2.31 -7.99 -4.56
N THR D 65 1.70 -6.80 -4.58
CA THR D 65 2.34 -5.66 -3.91
C THR D 65 2.16 -5.77 -2.40
N GLN D 66 1.09 -6.43 -1.98
CA GLN D 66 0.92 -6.66 -0.54
C GLN D 66 1.99 -7.68 -0.08
N VAL D 67 2.30 -8.66 -0.92
CA VAL D 67 3.32 -9.67 -0.56
C VAL D 67 4.67 -9.00 -0.62
N VAL D 68 4.89 -8.18 -1.64
CA VAL D 68 6.16 -7.48 -1.73
C VAL D 68 6.37 -6.58 -0.50
N GLU D 69 5.31 -5.96 0.02
CA GLU D 69 5.51 -5.10 1.17
C GLU D 69 5.93 -5.91 2.41
N VAL D 70 5.36 -7.10 2.57
CA VAL D 70 5.73 -7.94 3.70
C VAL D 70 7.24 -8.22 3.59
N LEU D 71 7.68 -8.56 2.37
CA LEU D 71 9.08 -8.85 2.10
C LEU D 71 9.99 -7.63 2.21
N GLU D 72 9.47 -6.44 1.94
CA GLU D 72 10.25 -5.23 2.09
C GLU D 72 10.60 -5.11 3.57
N PHE D 73 9.63 -5.34 4.44
CA PHE D 73 9.87 -5.27 5.88
C PHE D 73 10.86 -6.38 6.28
N MET D 74 10.73 -7.57 5.69
CA MET D 74 11.65 -8.69 5.98
C MET D 74 13.09 -8.32 5.54
N SER D 75 13.24 -7.80 4.31
CA SER D 75 14.54 -7.39 3.80
C SER D 75 15.15 -6.29 4.64
N ASP D 76 14.32 -5.39 5.13
CA ASP D 76 14.78 -4.26 5.95
C ASP D 76 15.31 -4.76 7.27
N ALA D 77 14.83 -5.92 7.69
CA ALA D 77 15.19 -6.47 8.99
C ALA D 77 16.30 -7.54 8.95
N SER D 78 16.87 -7.78 7.77
CA SER D 78 17.90 -8.79 7.67
C SER D 78 19.09 -8.44 6.78
N ASP D 79 20.19 -9.17 6.98
CA ASP D 79 21.40 -8.97 6.23
C ASP D 79 21.67 -10.13 5.29
N VAL D 80 20.99 -11.25 5.46
CA VAL D 80 21.23 -12.37 4.57
C VAL D 80 20.17 -12.37 3.45
N PRO D 81 20.48 -13.00 2.32
CA PRO D 81 19.51 -13.03 1.22
C PRO D 81 18.19 -13.73 1.52
N ILE D 82 17.13 -13.20 0.93
CA ILE D 82 15.81 -13.78 1.05
C ILE D 82 15.46 -14.24 -0.37
N LEU D 83 15.05 -15.50 -0.47
CA LEU D 83 14.61 -16.04 -1.74
C LEU D 83 13.09 -16.07 -1.64
N LEU D 84 12.40 -15.33 -2.48
CA LEU D 84 10.95 -15.34 -2.38
C LEU D 84 10.23 -16.39 -3.20
N ASP D 85 9.24 -17.01 -2.59
CA ASP D 85 8.40 -17.97 -3.26
C ASP D 85 7.39 -17.07 -3.96
N ALA D 86 7.58 -16.86 -5.26
CA ALA D 86 6.71 -15.98 -6.05
C ALA D 86 5.64 -16.71 -6.85
N ASP D 87 5.20 -17.87 -6.36
CA ASP D 87 4.19 -18.64 -7.06
C ASP D 87 4.52 -18.68 -8.56
N THR D 88 3.62 -18.31 -9.46
CA THR D 88 3.98 -18.41 -10.87
C THR D 88 4.41 -17.08 -11.45
N GLY D 89 4.63 -16.12 -10.56
CA GLY D 89 5.02 -14.78 -10.97
C GLY D 89 3.84 -13.83 -11.01
N TYR D 90 2.70 -14.31 -10.52
CA TYR D 90 1.47 -13.53 -10.42
C TYR D 90 0.96 -13.03 -11.75
N GLY D 91 1.10 -13.82 -12.82
CA GLY D 91 0.61 -13.39 -14.12
C GLY D 91 1.46 -13.92 -15.25
N ASN D 92 1.53 -13.22 -16.38
CA ASN D 92 2.36 -13.70 -17.47
C ASN D 92 3.79 -13.20 -17.31
N PHE D 93 4.56 -13.26 -18.39
CA PHE D 93 5.96 -12.85 -18.33
C PHE D 93 6.10 -11.40 -17.89
N ASN D 94 5.19 -10.54 -18.35
CA ASN D 94 5.29 -9.13 -18.01
C ASN D 94 5.11 -8.91 -16.52
N ASN D 95 4.16 -9.60 -15.89
CA ASN D 95 3.96 -9.45 -14.46
C ASN D 95 5.21 -9.94 -13.74
N ALA D 96 5.80 -11.01 -14.24
CA ALA D 96 7.01 -11.53 -13.63
C ALA D 96 8.18 -10.53 -13.67
N ARG D 97 8.45 -9.98 -14.85
CA ARG D 97 9.58 -9.06 -14.97
C ARG D 97 9.35 -7.79 -14.16
N ARG D 98 8.11 -7.39 -13.98
CA ARG D 98 7.83 -6.20 -13.18
C ARG D 98 8.12 -6.60 -11.73
N LEU D 99 7.62 -7.74 -11.31
CA LEU D 99 7.87 -8.22 -9.96
C LEU D 99 9.37 -8.27 -9.66
N VAL D 100 10.12 -8.88 -10.55
CA VAL D 100 11.57 -9.02 -10.34
C VAL D 100 12.19 -7.66 -10.04
N ARG D 101 11.88 -6.67 -10.87
CA ARG D 101 12.41 -5.31 -10.70
C ARG D 101 12.11 -4.71 -9.31
N LYS D 102 10.91 -4.96 -8.80
CA LYS D 102 10.55 -4.40 -7.51
C LYS D 102 11.26 -5.17 -6.40
N LEU D 103 11.47 -6.47 -6.58
CA LEU D 103 12.17 -7.25 -5.55
C LEU D 103 13.61 -6.74 -5.42
N GLU D 104 14.27 -6.46 -6.54
CA GLU D 104 15.66 -5.95 -6.51
C GLU D 104 15.70 -4.67 -5.68
N ASP D 105 14.84 -3.71 -6.07
CA ASP D 105 14.76 -2.41 -5.38
C ASP D 105 14.50 -2.51 -3.89
N ARG D 106 13.80 -3.55 -3.47
CA ARG D 106 13.50 -3.73 -2.05
C ARG D 106 14.59 -4.53 -1.33
N GLY D 107 15.61 -4.99 -2.07
CA GLY D 107 16.68 -5.76 -1.44
C GLY D 107 16.50 -7.28 -1.47
N VAL D 108 15.39 -7.76 -2.02
CA VAL D 108 15.19 -9.21 -2.09
C VAL D 108 16.23 -9.82 -3.04
N ALA D 109 16.74 -10.99 -2.68
CA ALA D 109 17.83 -11.60 -3.44
C ALA D 109 17.45 -12.42 -4.67
N GLY D 110 16.23 -12.93 -4.68
CA GLY D 110 15.82 -13.72 -5.81
C GLY D 110 14.40 -14.18 -5.66
N ALA D 111 13.91 -14.79 -6.72
CA ALA D 111 12.54 -15.24 -6.73
C ALA D 111 12.42 -16.65 -7.29
N CYS D 112 11.49 -17.40 -6.74
CA CYS D 112 11.21 -18.76 -7.15
C CYS D 112 9.87 -18.78 -7.89
N LEU D 113 9.90 -19.22 -9.14
CA LEU D 113 8.72 -19.27 -10.01
C LEU D 113 8.39 -20.73 -10.37
N GLU D 114 7.12 -21.11 -10.22
CA GLU D 114 6.72 -22.47 -10.54
C GLU D 114 5.92 -22.54 -11.84
N ASP D 115 6.00 -23.66 -12.54
CA ASP D 115 5.27 -23.84 -13.80
C ASP D 115 3.84 -24.39 -13.72
N LYS D 116 3.10 -24.01 -12.70
CA LYS D 116 1.72 -24.46 -12.63
C LYS D 116 0.95 -23.43 -13.42
N LEU D 117 -0.32 -23.72 -13.70
CA LEU D 117 -1.14 -22.76 -14.42
C LEU D 117 -1.64 -21.77 -13.39
N PHE D 118 -1.80 -20.53 -13.83
CA PHE D 118 -2.29 -19.47 -12.97
C PHE D 118 -3.40 -18.76 -13.72
N PRO D 119 -4.44 -18.29 -13.01
CA PRO D 119 -4.58 -18.39 -11.55
C PRO D 119 -4.78 -19.82 -11.03
N GLN D 130 -4.31 -32.84 -14.04
CA GLN D 130 -3.35 -31.96 -13.37
C GLN D 130 -2.29 -31.51 -14.38
N PRO D 131 -2.67 -30.58 -15.30
CA PRO D 131 -1.79 -30.03 -16.34
C PRO D 131 -0.98 -28.84 -15.81
N LEU D 132 0.21 -28.65 -16.35
CA LEU D 132 1.07 -27.55 -15.94
C LEU D 132 1.06 -26.48 -17.02
N ALA D 133 1.84 -25.41 -16.80
CA ALA D 133 1.92 -24.34 -17.77
C ALA D 133 2.69 -24.91 -18.95
N ASP D 134 2.39 -24.42 -20.15
CA ASP D 134 3.12 -24.90 -21.30
C ASP D 134 4.63 -24.70 -21.07
N ILE D 135 5.42 -25.69 -21.43
CA ILE D 135 6.88 -25.64 -21.25
C ILE D 135 7.52 -24.41 -21.89
N GLU D 136 7.29 -24.22 -23.19
CA GLU D 136 7.83 -23.08 -23.93
C GLU D 136 7.45 -21.73 -23.32
N GLU D 137 6.17 -21.58 -23.00
CA GLU D 137 5.66 -20.36 -22.40
C GLU D 137 6.39 -20.02 -21.10
N PHE D 138 6.47 -20.98 -20.17
CA PHE D 138 7.15 -20.74 -18.90
C PHE D 138 8.64 -20.46 -19.11
N ALA D 139 9.24 -21.15 -20.09
CA ALA D 139 10.66 -20.99 -20.40
C ALA D 139 10.91 -19.58 -20.88
N LEU D 140 9.98 -19.08 -21.69
CA LEU D 140 10.07 -17.73 -22.22
C LEU D 140 9.87 -16.69 -21.11
N LYS D 141 9.19 -17.10 -20.05
CA LYS D 141 8.96 -16.22 -18.90
C LYS D 141 10.23 -16.16 -18.05
N ILE D 142 10.89 -17.31 -17.88
CA ILE D 142 12.13 -17.34 -17.11
C ILE D 142 13.14 -16.42 -17.81
N LYS D 143 13.15 -16.51 -19.13
CA LYS D 143 14.01 -15.73 -20.02
C LYS D 143 13.73 -14.23 -19.88
N ALA D 144 12.45 -13.86 -19.89
CA ALA D 144 12.04 -12.46 -19.74
C ALA D 144 12.61 -11.88 -18.46
N CYS D 145 12.61 -12.68 -17.39
CA CYS D 145 13.15 -12.24 -16.11
C CYS D 145 14.67 -12.05 -16.22
N LYS D 146 15.37 -13.04 -16.79
CA LYS D 146 16.82 -12.91 -16.95
C LYS D 146 17.21 -11.71 -17.83
N ASP D 147 16.38 -11.43 -18.84
CA ASP D 147 16.62 -10.30 -19.75
C ASP D 147 16.30 -8.93 -19.15
N SER D 148 15.49 -8.92 -18.10
CA SER D 148 15.07 -7.68 -17.48
C SER D 148 15.78 -7.29 -16.21
N GLN D 149 16.26 -8.26 -15.43
CA GLN D 149 16.91 -7.91 -14.16
C GLN D 149 18.10 -6.96 -14.37
N THR D 150 18.32 -6.05 -13.43
CA THR D 150 19.42 -5.07 -13.58
C THR D 150 20.64 -5.45 -12.75
N ASP D 151 20.41 -6.26 -11.70
CA ASP D 151 21.49 -6.74 -10.89
C ASP D 151 21.72 -8.14 -11.49
N PRO D 152 22.91 -8.36 -12.10
CA PRO D 152 23.17 -9.68 -12.70
C PRO D 152 23.20 -10.84 -11.71
N ASP D 153 23.38 -10.55 -10.42
CA ASP D 153 23.39 -11.63 -9.42
C ASP D 153 21.99 -11.97 -8.88
N PHE D 154 20.97 -11.22 -9.27
CA PHE D 154 19.62 -11.55 -8.77
C PHE D 154 19.31 -12.96 -9.29
N CYS D 155 18.89 -13.86 -8.39
CA CYS D 155 18.59 -15.25 -8.76
C CYS D 155 17.16 -15.63 -9.17
N ILE D 156 17.03 -16.30 -10.31
CA ILE D 156 15.71 -16.72 -10.77
C ILE D 156 15.74 -18.22 -10.63
N VAL D 157 14.94 -18.73 -9.70
CA VAL D 157 14.85 -20.17 -9.44
C VAL D 157 13.58 -20.74 -10.07
N ALA D 158 13.74 -21.71 -10.95
CA ALA D 158 12.59 -22.32 -11.61
C ALA D 158 12.16 -23.57 -10.87
N ARG D 159 10.89 -23.61 -10.49
CA ARG D 159 10.32 -24.73 -9.75
C ARG D 159 9.52 -25.64 -10.67
N VAL D 160 9.95 -26.89 -10.75
CA VAL D 160 9.29 -27.88 -11.61
C VAL D 160 8.28 -28.68 -10.80
N GLU D 161 7.02 -28.58 -11.19
CA GLU D 161 5.95 -29.29 -10.50
C GLU D 161 5.51 -30.58 -11.21
N ALA D 162 6.38 -31.13 -12.05
CA ALA D 162 6.07 -32.34 -12.82
C ALA D 162 5.73 -33.55 -11.94
N PHE D 163 6.60 -33.86 -10.97
CA PHE D 163 6.37 -34.97 -10.08
C PHE D 163 5.09 -34.80 -9.26
N ILE D 164 4.88 -33.61 -8.70
CA ILE D 164 3.68 -33.35 -7.91
C ILE D 164 2.42 -33.39 -8.78
N ALA D 165 2.58 -33.04 -10.06
CA ALA D 165 1.47 -33.02 -11.00
C ALA D 165 1.06 -34.42 -11.46
N GLY D 166 1.84 -35.40 -11.06
CA GLY D 166 1.51 -36.76 -11.45
C GLY D 166 2.34 -37.23 -12.62
N TRP D 167 2.90 -36.29 -13.39
CA TRP D 167 3.74 -36.66 -14.52
C TRP D 167 4.91 -37.48 -14.02
N GLY D 168 5.76 -37.96 -14.92
CA GLY D 168 6.90 -38.74 -14.48
C GLY D 168 8.24 -38.04 -14.57
N LEU D 169 9.32 -38.83 -14.45
CA LEU D 169 10.68 -38.32 -14.54
C LEU D 169 10.97 -37.71 -15.91
N ASP D 170 10.33 -38.26 -16.96
CA ASP D 170 10.52 -37.72 -18.30
C ASP D 170 10.18 -36.22 -18.32
N GLU D 171 8.98 -35.90 -17.82
CA GLU D 171 8.48 -34.51 -17.76
C GLU D 171 9.35 -33.64 -16.91
N ALA D 172 9.62 -34.10 -15.70
CA ALA D 172 10.45 -33.35 -14.74
C ALA D 172 11.74 -32.95 -15.42
N LEU D 173 12.35 -33.92 -16.09
CA LEU D 173 13.61 -33.70 -16.80
C LEU D 173 13.40 -32.76 -17.99
N LYS D 174 12.45 -33.09 -18.87
CA LYS D 174 12.18 -32.26 -20.04
C LYS D 174 11.97 -30.80 -19.63
N ARG D 175 11.35 -30.60 -18.49
CA ARG D 175 11.09 -29.25 -18.02
C ARG D 175 12.29 -28.63 -17.31
N ALA D 176 13.01 -29.41 -16.51
CA ALA D 176 14.16 -28.85 -15.82
C ALA D 176 15.15 -28.30 -16.85
N GLU D 177 15.40 -29.08 -17.91
CA GLU D 177 16.32 -28.69 -18.98
C GLU D 177 15.81 -27.47 -19.75
N ALA D 178 14.52 -27.44 -20.09
CA ALA D 178 13.97 -26.28 -20.79
C ALA D 178 14.19 -24.97 -19.99
N TYR D 179 13.88 -25.02 -18.69
CA TYR D 179 14.00 -23.85 -17.83
C TYR D 179 15.44 -23.38 -17.59
N ARG D 180 16.35 -24.33 -17.40
CA ARG D 180 17.78 -24.05 -17.17
C ARG D 180 18.45 -23.51 -18.45
N ASN D 181 17.99 -23.99 -19.60
CA ASN D 181 18.50 -23.57 -20.91
C ASN D 181 17.95 -22.18 -21.17
N ALA D 182 16.83 -21.85 -20.51
CA ALA D 182 16.23 -20.54 -20.65
C ALA D 182 16.97 -19.50 -19.79
N GLY D 183 17.84 -19.98 -18.90
CA GLY D 183 18.60 -19.07 -18.07
C GLY D 183 18.40 -19.19 -16.56
N ALA D 184 17.50 -20.06 -16.10
CA ALA D 184 17.26 -20.24 -14.67
C ALA D 184 18.58 -20.50 -13.97
N ASP D 185 18.78 -19.88 -12.81
CA ASP D 185 20.02 -20.00 -12.02
C ASP D 185 20.03 -21.25 -11.16
N ALA D 186 18.86 -21.84 -10.95
CA ALA D 186 18.73 -23.06 -10.17
C ALA D 186 17.37 -23.68 -10.49
N ILE D 187 17.22 -24.98 -10.21
CA ILE D 187 15.97 -25.71 -10.43
C ILE D 187 15.52 -26.28 -9.08
N LEU D 188 14.29 -25.98 -8.69
CA LEU D 188 13.78 -26.54 -7.45
C LEU D 188 12.93 -27.72 -7.91
N MET D 189 13.37 -28.92 -7.56
CA MET D 189 12.68 -30.15 -7.92
C MET D 189 11.84 -30.57 -6.74
N HIS D 190 10.53 -30.58 -6.91
CA HIS D 190 9.69 -30.97 -5.80
C HIS D 190 8.95 -32.29 -5.95
N SER D 191 8.78 -32.96 -4.81
CA SER D 191 8.10 -34.25 -4.74
C SER D 191 7.20 -34.31 -3.50
N LYS D 192 6.08 -35.02 -3.63
CA LYS D 192 5.12 -35.16 -2.53
C LYS D 192 5.34 -36.47 -1.74
N LYS D 193 6.14 -37.38 -2.29
CA LYS D 193 6.43 -38.66 -1.65
C LYS D 193 7.05 -38.53 -0.27
N ALA D 194 6.98 -39.62 0.50
CA ALA D 194 7.51 -39.67 1.84
C ALA D 194 8.94 -40.17 1.85
N ASP D 195 9.51 -40.34 0.66
CA ASP D 195 10.90 -40.78 0.52
C ASP D 195 11.51 -39.98 -0.64
N PRO D 196 12.85 -39.90 -0.70
CA PRO D 196 13.51 -39.14 -1.76
C PRO D 196 13.60 -39.77 -3.15
N SER D 197 12.78 -40.79 -3.42
CA SER D 197 12.81 -41.48 -4.71
C SER D 197 12.77 -40.58 -5.96
N ASP D 198 11.85 -39.61 -6.00
CA ASP D 198 11.77 -38.70 -7.15
C ASP D 198 13.04 -37.86 -7.29
N ILE D 199 13.54 -37.35 -6.16
CA ILE D 199 14.73 -36.49 -6.14
C ILE D 199 16.02 -37.21 -6.53
N GLU D 200 16.19 -38.44 -6.05
CA GLU D 200 17.36 -39.22 -6.37
C GLU D 200 17.35 -39.63 -7.86
N ALA D 201 16.17 -39.94 -8.39
CA ALA D 201 16.05 -40.33 -9.80
C ALA D 201 16.33 -39.15 -10.73
N PHE D 202 15.87 -37.97 -10.33
CA PHE D 202 16.10 -36.77 -11.13
C PHE D 202 17.60 -36.44 -11.15
N MET D 203 18.23 -36.45 -9.96
CA MET D 203 19.65 -36.14 -9.81
C MET D 203 20.52 -37.12 -10.58
N LYS D 204 20.05 -38.35 -10.66
CA LYS D 204 20.77 -39.39 -11.38
C LYS D 204 20.72 -39.10 -12.89
N ALA D 205 19.60 -38.61 -13.40
CA ALA D 205 19.50 -38.35 -14.83
C ALA D 205 19.75 -36.89 -15.25
N TRP D 206 20.00 -36.00 -14.28
CA TRP D 206 20.20 -34.57 -14.55
C TRP D 206 21.60 -34.26 -15.07
N ASN D 207 22.55 -35.12 -14.74
CA ASN D 207 23.94 -34.95 -15.16
C ASN D 207 24.47 -33.57 -14.82
N ASN D 208 24.04 -33.06 -13.66
CA ASN D 208 24.47 -31.78 -13.13
C ASN D 208 24.41 -30.60 -14.13
N GLN D 209 23.25 -30.41 -14.77
CA GLN D 209 23.10 -29.32 -15.75
C GLN D 209 22.90 -27.95 -15.10
N GLY D 210 22.80 -27.92 -13.78
CA GLY D 210 22.63 -26.67 -13.05
C GLY D 210 22.39 -26.97 -11.58
N PRO D 211 22.52 -25.98 -10.67
CA PRO D 211 22.31 -26.19 -9.23
C PRO D 211 20.87 -26.68 -8.96
N VAL D 212 20.71 -27.62 -8.03
CA VAL D 212 19.37 -28.13 -7.72
C VAL D 212 18.94 -27.74 -6.30
N VAL D 213 17.67 -27.40 -6.15
CA VAL D 213 17.16 -27.01 -4.83
C VAL D 213 16.01 -27.96 -4.46
N ILE D 214 16.00 -28.42 -3.21
CA ILE D 214 14.93 -29.33 -2.77
C ILE D 214 14.31 -28.84 -1.48
N VAL D 215 13.09 -29.30 -1.24
CA VAL D 215 12.33 -28.96 -0.05
C VAL D 215 11.95 -30.32 0.53
N PRO D 216 12.71 -30.77 1.55
CA PRO D 216 12.55 -32.07 2.25
C PRO D 216 11.38 -32.15 3.22
N THR D 217 10.35 -31.34 3.00
CA THR D 217 9.21 -31.29 3.89
C THR D 217 8.52 -32.62 4.16
N LYS D 218 8.26 -33.39 3.09
CA LYS D 218 7.56 -34.67 3.17
C LYS D 218 8.43 -35.91 3.44
N TYR D 219 9.73 -35.82 3.13
CA TYR D 219 10.66 -36.93 3.35
C TYR D 219 11.73 -36.50 4.35
N TYR D 220 11.30 -35.81 5.41
CA TYR D 220 12.22 -35.26 6.41
C TYR D 220 12.96 -36.30 7.24
N LYS D 221 12.63 -37.57 7.03
CA LYS D 221 13.28 -38.66 7.76
C LYS D 221 14.59 -39.05 7.09
N THR D 222 14.70 -38.77 5.80
CA THR D 222 15.91 -39.05 5.03
C THR D 222 17.06 -38.20 5.54
N PRO D 223 18.18 -38.83 5.92
CA PRO D 223 19.35 -38.10 6.43
C PRO D 223 19.82 -37.01 5.42
N THR D 224 20.16 -35.83 5.94
CA THR D 224 20.59 -34.70 5.12
C THR D 224 21.87 -35.00 4.36
N ASP D 225 22.67 -35.90 4.89
CA ASP D 225 23.92 -36.24 4.26
C ASP D 225 23.69 -37.00 2.96
N HIS D 226 22.51 -37.60 2.84
CA HIS D 226 22.17 -38.31 1.63
C HIS D 226 21.97 -37.32 0.47
N PHE D 227 21.50 -36.11 0.76
CA PHE D 227 21.30 -35.08 -0.25
C PHE D 227 22.67 -34.54 -0.71
N ARG D 228 23.60 -34.40 0.23
CA ARG D 228 24.95 -33.92 -0.11
C ARG D 228 25.56 -34.88 -1.09
N ASP D 229 25.41 -36.17 -0.80
CA ASP D 229 25.96 -37.23 -1.62
C ASP D 229 25.35 -37.20 -3.03
N MET D 230 24.10 -36.75 -3.13
CA MET D 230 23.39 -36.67 -4.42
C MET D 230 23.80 -35.42 -5.17
N GLY D 231 24.52 -34.55 -4.49
CA GLY D 231 24.95 -33.31 -5.13
C GLY D 231 23.93 -32.17 -5.11
N VAL D 232 22.93 -32.26 -4.23
CA VAL D 232 21.94 -31.20 -4.11
C VAL D 232 22.69 -29.92 -3.67
N SER D 233 22.38 -28.80 -4.30
CA SER D 233 23.05 -27.55 -3.94
C SER D 233 22.44 -26.86 -2.73
N MET D 234 21.12 -26.96 -2.58
CA MET D 234 20.51 -26.27 -1.45
C MET D 234 19.23 -26.93 -0.96
N VAL D 235 18.98 -26.78 0.33
CA VAL D 235 17.78 -27.33 0.94
C VAL D 235 16.97 -26.22 1.59
N ILE D 236 15.65 -26.26 1.39
CA ILE D 236 14.72 -25.29 1.97
C ILE D 236 13.87 -25.84 3.13
N TRP D 237 14.05 -25.31 4.35
CA TRP D 237 13.24 -25.70 5.51
C TRP D 237 12.08 -24.74 5.22
N ALA D 238 11.01 -25.27 4.65
CA ALA D 238 9.87 -24.47 4.17
C ALA D 238 8.81 -23.75 4.98
N ASN D 239 8.45 -24.27 6.16
CA ASN D 239 7.36 -23.66 6.91
C ASN D 239 7.36 -23.94 8.40
N HIS D 240 8.49 -24.33 8.95
CA HIS D 240 8.52 -24.68 10.36
C HIS D 240 8.38 -23.53 11.36
N ASN D 241 8.87 -22.34 11.01
CA ASN D 241 8.74 -21.25 11.96
C ASN D 241 7.27 -20.82 12.05
N LEU D 242 6.56 -20.93 10.94
CA LEU D 242 5.15 -20.57 10.94
C LEU D 242 4.38 -21.60 11.77
N ARG D 243 4.64 -22.89 11.52
CA ARG D 243 3.96 -23.94 12.28
C ARG D 243 4.33 -23.86 13.77
N ALA D 244 5.55 -23.45 14.06
CA ALA D 244 5.99 -23.30 15.45
C ALA D 244 5.23 -22.16 16.09
N SER D 245 5.23 -21.01 15.43
CA SER D 245 4.55 -19.84 15.95
C SER D 245 3.07 -20.12 16.23
N VAL D 246 2.40 -20.85 15.33
CA VAL D 246 0.97 -21.19 15.47
C VAL D 246 0.67 -22.09 16.69
N SER D 247 1.47 -23.13 16.91
CA SER D 247 1.17 -24.02 18.05
C SER D 247 1.43 -23.32 19.40
N ALA D 248 2.32 -22.34 19.42
CA ALA D 248 2.62 -21.59 20.65
C ALA D 248 1.55 -20.55 20.91
N ILE D 249 1.05 -19.92 19.85
CA ILE D 249 0.01 -18.91 20.00
C ILE D 249 -1.29 -19.60 20.41
N GLN D 250 -1.54 -20.80 19.90
CA GLN D 250 -2.75 -21.52 20.24
C GLN D 250 -2.74 -21.90 21.72
N GLN D 251 -1.61 -22.42 22.20
CA GLN D 251 -1.47 -22.82 23.61
C GLN D 251 -1.46 -21.63 24.57
N THR D 252 -0.79 -20.56 24.19
CA THR D 252 -0.70 -19.35 25.01
C THR D 252 -2.10 -18.74 25.17
N THR D 253 -2.85 -18.72 24.08
CA THR D 253 -4.18 -18.13 24.08
C THR D 253 -5.16 -18.98 24.85
N LYS D 254 -5.04 -20.29 24.74
CA LYS D 254 -5.93 -21.18 25.46
C LYS D 254 -5.67 -21.13 26.98
N GLN D 255 -4.39 -21.02 27.35
CA GLN D 255 -3.97 -20.97 28.76
C GLN D 255 -4.47 -19.70 29.45
N ILE D 256 -4.36 -18.56 28.78
CA ILE D 256 -4.82 -17.31 29.36
C ILE D 256 -6.34 -17.32 29.37
N TYR D 257 -6.94 -17.77 28.28
CA TYR D 257 -8.39 -17.79 28.16
C TYR D 257 -9.01 -18.53 29.34
N ASP D 258 -8.59 -19.77 29.55
CA ASP D 258 -9.11 -20.56 30.65
C ASP D 258 -8.73 -19.91 31.99
N ASP D 259 -7.43 -19.88 32.28
CA ASP D 259 -6.93 -19.29 33.53
C ASP D 259 -7.44 -17.89 33.86
N GLN D 260 -7.76 -17.11 32.84
CA GLN D 260 -8.19 -15.74 33.08
C GLN D 260 -7.11 -15.20 33.99
N SER D 261 -5.86 -15.39 33.58
CA SER D 261 -4.70 -14.97 34.36
C SER D 261 -3.43 -15.21 33.54
N LEU D 262 -2.39 -14.40 33.77
CA LEU D 262 -1.12 -14.54 33.04
C LEU D 262 -0.06 -15.36 33.79
N VAL D 263 -0.37 -15.79 35.01
CA VAL D 263 0.60 -16.53 35.80
C VAL D 263 1.12 -17.83 35.24
N ASN D 264 0.37 -18.49 34.37
CA ASN D 264 0.82 -19.75 33.78
C ASN D 264 1.41 -19.69 32.36
N VAL D 265 1.85 -18.51 31.94
CA VAL D 265 2.47 -18.35 30.63
C VAL D 265 3.68 -17.44 30.76
N GLU D 266 3.62 -16.58 31.76
CA GLU D 266 4.67 -15.61 32.02
C GLU D 266 6.08 -16.19 32.08
N ASP D 267 6.18 -17.49 32.38
CA ASP D 267 7.49 -18.13 32.45
C ASP D 267 7.78 -19.13 31.32
N LYS D 268 6.97 -19.10 30.27
CA LYS D 268 7.19 -19.99 29.13
C LYS D 268 7.41 -19.16 27.86
N ILE D 269 7.37 -17.84 27.99
CA ILE D 269 7.54 -16.92 26.87
C ILE D 269 8.63 -15.84 27.12
N VAL D 270 9.18 -15.28 26.03
CA VAL D 270 10.22 -14.28 26.14
C VAL D 270 9.73 -13.02 26.82
N SER D 271 10.62 -12.34 27.53
CA SER D 271 10.25 -11.13 28.22
C SER D 271 10.07 -10.07 27.15
N VAL D 272 9.54 -8.93 27.58
CA VAL D 272 9.30 -7.85 26.65
C VAL D 272 10.62 -7.19 26.26
N LYS D 273 11.64 -7.34 27.11
CA LYS D 273 12.94 -6.75 26.83
C LYS D 273 13.50 -7.42 25.59
N GLU D 274 13.30 -8.73 25.49
CA GLU D 274 13.77 -9.49 24.34
C GLU D 274 13.11 -8.92 23.08
N ILE D 275 11.83 -8.58 23.16
CA ILE D 275 11.13 -7.98 22.00
C ILE D 275 11.83 -6.65 21.60
N PHE D 276 12.09 -5.77 22.57
CA PHE D 276 12.75 -4.50 22.26
C PHE D 276 14.13 -4.71 21.59
N ARG D 277 14.87 -5.70 22.06
CA ARG D 277 16.18 -5.97 21.50
C ARG D 277 16.00 -6.41 20.06
N LEU D 278 15.01 -7.26 19.84
CA LEU D 278 14.76 -7.73 18.49
C LEU D 278 14.33 -6.57 17.57
N GLN D 279 13.87 -5.48 18.18
CA GLN D 279 13.45 -4.29 17.43
C GLN D 279 14.61 -3.31 17.24
N ARG D 280 15.77 -3.65 17.79
CA ARG D 280 16.91 -2.74 17.70
C ARG D 280 16.46 -1.43 18.34
N ASP D 281 15.58 -1.53 19.33
CA ASP D 281 15.08 -0.34 20.02
C ASP D 281 16.29 0.46 20.52
N ASP D 282 17.34 -0.28 20.87
CA ASP D 282 18.60 0.27 21.36
C ASP D 282 19.17 1.36 20.47
N GLU D 283 19.34 1.04 19.19
CA GLU D 283 19.86 1.99 18.20
C GLU D 283 19.05 3.29 18.16
N LEU D 284 17.74 3.22 18.41
CA LEU D 284 16.93 4.43 18.34
C LEU D 284 17.16 5.33 19.54
N VAL D 285 17.28 4.70 20.71
CA VAL D 285 17.52 5.46 21.93
C VAL D 285 18.84 6.19 21.75
N GLN D 286 19.82 5.52 21.19
CA GLN D 286 21.12 6.17 20.96
C GLN D 286 20.98 7.29 19.93
N ALA D 287 20.10 7.09 18.94
CA ALA D 287 19.87 8.07 17.90
C ALA D 287 19.15 9.29 18.45
N GLU D 288 18.11 9.06 19.24
CA GLU D 288 17.37 10.15 19.83
C GLU D 288 18.32 10.93 20.72
N ASP D 289 19.26 10.20 21.31
CA ASP D 289 20.27 10.82 22.18
C ASP D 289 21.13 11.80 21.39
N LYS D 290 21.44 11.46 20.15
CA LYS D 290 22.27 12.32 19.31
C LYS D 290 21.54 13.41 18.52
N TYR D 291 20.34 13.11 18.02
CA TYR D 291 19.62 14.06 17.19
C TYR D 291 18.52 14.94 17.77
N LEU D 292 18.02 14.59 18.95
CA LEU D 292 17.00 15.41 19.61
C LEU D 292 17.73 16.37 20.52
N PRO D 293 17.45 17.68 20.39
CA PRO D 293 18.12 18.67 21.23
C PRO D 293 17.83 18.41 22.71
N LYS D 294 18.87 18.47 23.55
CA LYS D 294 18.76 18.21 24.98
C LYS D 294 17.68 18.98 25.75
MG MG E . 0.88 1.33 22.47
MG MG F . -10.18 -0.99 -19.57
MG MG G . 4.32 21.70 0.08
MG MG H . 4.17 -21.68 -2.54
#